data_6VI4
#
_entry.id   6VI4
#
_cell.length_a   102.394
_cell.length_b   108.191
_cell.length_c   155.100
_cell.angle_alpha   90.000
_cell.angle_beta   90.000
_cell.angle_gamma   90.000
#
_symmetry.space_group_name_H-M   'P 21 2 21'
#
loop_
_entity.id
_entity.type
_entity.pdbx_description
1 polymer 'Kappa opioid receptor'
2 polymer 'Nanobody 6'
3 non-polymer (3R)-7-hydroxy-N-{(2S)-1-[(3R,4R)-4-(3-hydroxyphenyl)-3,4-dimethylpiperidin-1-yl]-3-methylbutan-2-yl}-1,2,3,4-tetrahydroisoquinoline-3-carboxamide
4 non-polymer CHOLESTEROL
#
loop_
_entity_poly.entity_id
_entity_poly.type
_entity_poly.pdbx_seq_one_letter_code
_entity_poly.pdbx_strand_id
1 'polypeptide(L)'
;GSISPAIPVIITAVYSVVFVVGLVGNSLVMFVIIRYTKMKTATNIYIFNLALADALVTTTMPFQSTVYLMNSWPFGDVLC
KIVLSIDYYNMFTSIFTLTMMSVDRYIAVCHPVKALDFRTPLKAKIINICIWLLSSSVGISAIVLGGTKVREDVDVIECS
LQFPDDDYSWWDLFMKICVFIFAFVIPVLIIIVCYTLMILRLKSVRLLSGSREKDRNLRRITRLVLVVVAVFVVCWTPIH
IFILVEALGSTSHSTAALSSYYFCIALGYTNSSLNPILYAFLDENFKRCFRDFCFPLKMRMERQSTS
;
A,B
2 'polypeptide(L)'
;MAQVQLQESGGGLVQAGESLRLSCAASGTIFRLYDMGWYRRVSGNQRELVASITSGGSTKYGDSVKGRFTISRDNAKNTV
YLQMSSLKPEDTAVYYCNAEYRTGIWEELLDGWGQGTQVTVSSHHHHHHEPEA
;
C,D
#
# COMPACT_ATOMS: atom_id res chain seq x y z
N VAL A 9 0.98 28.50 30.70
CA VAL A 9 -0.19 28.89 31.46
C VAL A 9 -1.41 28.78 30.58
N ILE A 10 -1.41 29.58 29.52
CA ILE A 10 -2.49 29.64 28.55
C ILE A 10 -2.13 28.88 27.26
N ILE A 11 -1.10 28.02 27.34
CA ILE A 11 -0.69 27.24 26.18
C ILE A 11 -1.80 26.28 25.76
N THR A 12 -2.69 25.95 26.70
CA THR A 12 -3.77 25.00 26.41
C THR A 12 -4.75 25.57 25.40
N ALA A 13 -4.64 26.87 25.09
CA ALA A 13 -5.50 27.46 24.06
C ALA A 13 -4.74 27.67 22.76
N VAL A 14 -3.50 28.20 22.82
CA VAL A 14 -2.71 28.43 21.61
C VAL A 14 -2.50 27.11 20.86
N TYR A 15 -2.63 26.02 21.60
CA TYR A 15 -2.55 24.69 20.95
C TYR A 15 -3.87 24.48 20.23
N SER A 16 -4.93 25.09 20.73
CA SER A 16 -6.24 24.90 20.06
C SER A 16 -6.34 25.87 18.89
N VAL A 17 -5.66 27.01 18.98
CA VAL A 17 -5.69 28.00 17.87
C VAL A 17 -5.16 27.26 16.65
N VAL A 18 -3.94 26.75 16.75
CA VAL A 18 -3.30 26.03 15.61
C VAL A 18 -4.24 24.89 15.18
N PHE A 19 -4.72 24.10 16.12
CA PHE A 19 -5.61 22.96 15.83
C PHE A 19 -6.80 23.38 14.96
N VAL A 20 -7.43 24.50 15.28
CA VAL A 20 -8.59 24.94 14.47
C VAL A 20 -8.10 25.36 13.09
N VAL A 21 -7.06 26.17 13.03
CA VAL A 21 -6.56 26.68 11.72
C VAL A 21 -6.28 25.52 10.79
N GLY A 22 -5.36 24.63 11.16
CA GLY A 22 -5.00 23.55 10.28
C GLY A 22 -6.18 22.69 9.88
N LEU A 23 -7.23 22.71 10.71
CA LEU A 23 -8.38 21.86 10.44
C LEU A 23 -9.44 22.62 9.63
N VAL A 24 -9.45 23.94 9.78
CA VAL A 24 -10.36 24.80 9.01
C VAL A 24 -9.66 25.34 7.77
N GLY A 25 -8.40 25.78 7.93
CA GLY A 25 -7.67 26.34 6.80
C GLY A 25 -7.51 25.35 5.66
N ASN A 26 -7.15 24.11 5.98
CA ASN A 26 -6.97 23.12 4.92
C ASN A 26 -8.31 22.66 4.34
N SER A 27 -9.33 22.55 5.19
CA SER A 27 -10.66 22.20 4.69
C SER A 27 -11.13 23.26 3.72
N LEU A 28 -10.86 24.53 4.05
CA LEU A 28 -11.20 25.65 3.17
C LEU A 28 -10.47 25.54 1.83
N VAL A 29 -9.16 25.25 1.88
CA VAL A 29 -8.37 25.09 0.67
C VAL A 29 -8.90 23.92 -0.16
N MET A 30 -9.35 22.85 0.50
CA MET A 30 -9.86 21.72 -0.27
C MET A 30 -11.20 22.05 -0.90
N PHE A 31 -12.09 22.70 -0.14
CA PHE A 31 -13.42 22.96 -0.68
C PHE A 31 -13.35 23.96 -1.83
N VAL A 32 -12.53 25.00 -1.70
CA VAL A 32 -12.41 26.00 -2.75
C VAL A 32 -11.97 25.37 -4.07
N ILE A 33 -10.96 24.50 -4.01
CA ILE A 33 -10.48 23.86 -5.24
C ILE A 33 -11.54 22.93 -5.83
N ILE A 34 -12.34 22.28 -4.98
CA ILE A 34 -13.36 21.35 -5.47
C ILE A 34 -14.48 22.12 -6.16
N ARG A 35 -15.08 23.10 -5.44
CA ARG A 35 -16.31 23.76 -5.91
C ARG A 35 -16.03 24.69 -7.08
N TYR A 36 -15.11 25.64 -6.90
CA TYR A 36 -14.87 26.69 -7.90
C TYR A 36 -14.10 26.11 -9.09
N THR A 37 -14.63 26.32 -10.29
CA THR A 37 -14.02 25.74 -11.48
C THR A 37 -12.72 26.46 -11.85
N LYS A 38 -12.69 27.79 -11.71
CA LYS A 38 -11.48 28.53 -12.05
C LYS A 38 -10.29 28.07 -11.22
N MET A 39 -10.54 27.29 -10.16
CA MET A 39 -9.47 26.89 -9.26
C MET A 39 -9.16 25.40 -9.40
N LYS A 40 -8.77 25.03 -10.61
CA LYS A 40 -8.39 23.67 -10.92
C LYS A 40 -7.09 23.70 -11.73
N THR A 41 -6.15 24.59 -11.33
CA THR A 41 -4.76 24.56 -11.79
C THR A 41 -4.16 23.17 -11.57
N ALA A 42 -3.27 22.76 -12.49
CA ALA A 42 -2.45 21.58 -12.21
C ALA A 42 -1.75 21.71 -10.86
N THR A 43 -1.18 22.88 -10.57
CA THR A 43 -0.55 23.09 -9.27
C THR A 43 -1.55 23.02 -8.13
N ASN A 44 -2.73 23.63 -8.29
CA ASN A 44 -3.71 23.59 -7.20
C ASN A 44 -4.16 22.17 -6.89
N ILE A 45 -4.20 21.29 -7.90
CA ILE A 45 -4.61 19.91 -7.60
C ILE A 45 -3.64 19.29 -6.61
N TYR A 46 -2.35 19.60 -6.76
CA TYR A 46 -1.34 19.14 -5.80
C TYR A 46 -1.56 19.75 -4.43
N ILE A 47 -1.92 21.03 -4.38
CA ILE A 47 -2.16 21.66 -3.09
C ILE A 47 -3.37 21.03 -2.41
N PHE A 48 -4.38 20.65 -3.21
CA PHE A 48 -5.48 19.92 -2.62
C PHE A 48 -4.93 18.70 -1.87
N ASN A 49 -4.09 17.88 -2.53
CA ASN A 49 -3.48 16.73 -1.84
C ASN A 49 -2.76 17.15 -0.58
N LEU A 50 -1.90 18.17 -0.67
CA LEU A 50 -1.14 18.60 0.48
C LEU A 50 -2.06 19.01 1.62
N ALA A 51 -3.10 19.81 1.30
CA ALA A 51 -4.08 20.20 2.31
C ALA A 51 -4.74 18.98 2.94
N LEU A 52 -5.06 18.00 2.12
CA LEU A 52 -5.71 16.77 2.62
C LEU A 52 -4.79 16.14 3.66
N ALA A 53 -3.53 15.96 3.33
CA ALA A 53 -2.59 15.34 4.27
C ALA A 53 -2.50 16.21 5.51
N ASP A 54 -2.39 17.53 5.34
CA ASP A 54 -2.30 18.43 6.51
C ASP A 54 -3.58 18.36 7.33
N ALA A 55 -4.74 18.22 6.69
CA ALA A 55 -5.95 18.14 7.52
C ALA A 55 -5.86 16.90 8.39
N LEU A 56 -5.46 15.76 7.83
CA LEU A 56 -5.43 14.49 8.60
C LEU A 56 -4.47 14.57 9.77
N VAL A 57 -3.25 15.10 9.59
CA VAL A 57 -2.28 15.17 10.72
C VAL A 57 -2.84 16.09 11.81
N THR A 58 -3.56 17.15 11.42
CA THR A 58 -4.24 18.10 12.33
C THR A 58 -5.29 17.35 13.14
N THR A 59 -5.95 16.32 12.59
CA THR A 59 -6.95 15.51 13.34
C THR A 59 -6.30 14.79 14.53
N THR A 60 -5.01 14.47 14.48
CA THR A 60 -4.29 13.79 15.59
C THR A 60 -3.72 14.82 16.57
N MET A 61 -4.03 16.10 16.43
CA MET A 61 -3.45 17.11 17.36
C MET A 61 -3.89 16.85 18.80
N PRO A 62 -5.17 16.56 19.08
CA PRO A 62 -5.60 16.36 20.44
C PRO A 62 -4.86 15.16 21.02
N PHE A 63 -4.97 14.02 20.33
CA PHE A 63 -4.40 12.72 20.78
C PHE A 63 -2.97 12.94 21.21
N GLN A 64 -2.21 13.61 20.36
CA GLN A 64 -0.80 13.87 20.71
C GLN A 64 -0.77 14.78 21.94
N SER A 65 -1.74 15.67 22.08
CA SER A 65 -1.71 16.56 23.27
C SER A 65 -1.89 15.74 24.54
N THR A 66 -2.96 14.96 24.66
CA THR A 66 -3.23 14.24 25.91
C THR A 66 -2.03 13.37 26.30
N VAL A 67 -1.35 12.78 25.32
CA VAL A 67 -0.10 12.03 25.56
C VAL A 67 0.97 12.91 26.17
N TYR A 68 0.99 14.21 25.81
CA TYR A 68 1.96 15.13 26.40
C TYR A 68 1.77 15.22 27.91
N LEU A 69 0.51 15.41 28.32
CA LEU A 69 0.20 15.61 29.73
C LEU A 69 0.22 14.29 30.50
N MET A 70 -0.59 13.34 30.04
CA MET A 70 -0.74 12.03 30.73
C MET A 70 0.55 11.23 30.67
N ASN A 71 1.26 11.32 29.55
CA ASN A 71 2.58 10.66 29.33
C ASN A 71 2.43 9.18 29.04
N SER A 72 1.20 8.68 28.99
CA SER A 72 0.97 7.26 28.64
C SER A 72 -0.17 7.26 27.62
N TRP A 73 -0.18 6.33 26.66
CA TRP A 73 -1.29 6.37 25.66
C TRP A 73 -2.54 5.81 26.32
N PRO A 74 -3.63 6.58 26.48
CA PRO A 74 -4.83 6.09 27.12
C PRO A 74 -5.96 5.68 26.18
N PHE A 75 -5.74 5.74 24.87
CA PHE A 75 -6.80 5.34 23.91
C PHE A 75 -6.71 3.84 23.63
N GLY A 76 -7.60 3.34 22.79
CA GLY A 76 -7.62 1.91 22.45
C GLY A 76 -6.67 1.58 21.32
N ASP A 77 -6.61 0.30 20.97
CA ASP A 77 -5.76 -0.10 19.82
C ASP A 77 -6.38 0.52 18.58
N VAL A 78 -7.70 0.45 18.49
CA VAL A 78 -8.40 0.91 17.28
C VAL A 78 -8.07 2.37 16.99
N LEU A 79 -7.72 3.13 18.02
CA LEU A 79 -7.25 4.49 17.80
C LEU A 79 -5.75 4.53 17.57
N CYS A 80 -4.99 3.68 18.29
CA CYS A 80 -3.56 3.61 18.04
C CYS A 80 -3.28 3.12 16.63
N LYS A 81 -4.11 2.19 16.14
CA LYS A 81 -3.94 1.71 14.77
C LYS A 81 -4.33 2.78 13.76
N ILE A 82 -5.24 3.67 14.14
CA ILE A 82 -5.71 4.71 13.17
C ILE A 82 -4.78 5.93 13.22
N VAL A 83 -4.39 6.36 14.41
CA VAL A 83 -3.47 7.53 14.47
C VAL A 83 -2.14 7.16 13.83
N LEU A 84 -1.56 6.03 14.21
CA LEU A 84 -0.26 5.60 13.66
C LEU A 84 -0.32 5.55 12.15
N SER A 85 -1.49 5.28 11.59
CA SER A 85 -1.56 5.21 10.11
C SER A 85 -1.94 6.57 9.55
N ILE A 86 -2.68 7.36 10.33
CA ILE A 86 -3.06 8.71 9.84
C ILE A 86 -1.77 9.52 9.80
N ASP A 87 -0.73 8.97 10.40
CA ASP A 87 0.58 9.63 10.43
C ASP A 87 1.46 9.20 9.27
N TYR A 88 1.64 7.90 9.07
CA TYR A 88 2.55 7.51 7.98
C TYR A 88 1.98 8.05 6.68
N TYR A 89 0.67 8.01 6.55
CA TYR A 89 0.03 8.51 5.32
C TYR A 89 0.39 9.98 5.15
N ASN A 90 0.58 10.68 6.26
CA ASN A 90 0.91 12.09 6.13
C ASN A 90 2.40 12.28 5.83
N MET A 91 3.28 11.56 6.53
CA MET A 91 4.70 11.76 6.31
C MET A 91 5.08 11.51 4.86
N PHE A 92 4.41 10.56 4.21
CA PHE A 92 4.80 10.22 2.84
C PHE A 92 4.02 11.06 1.82
N THR A 93 2.69 11.13 1.95
CA THR A 93 1.86 11.89 1.01
C THR A 93 2.33 13.33 0.86
N SER A 94 2.57 14.02 1.97
CA SER A 94 3.00 15.41 1.90
C SER A 94 4.32 15.56 1.11
N ILE A 95 5.38 14.86 1.53
CA ILE A 95 6.70 15.06 0.89
C ILE A 95 6.70 14.59 -0.56
N PHE A 96 5.88 13.60 -0.90
CA PHE A 96 5.78 13.17 -2.30
C PHE A 96 4.96 14.15 -3.12
N THR A 97 4.09 14.92 -2.46
CA THR A 97 3.33 15.95 -3.17
C THR A 97 4.19 17.18 -3.40
N LEU A 98 5.02 17.55 -2.43
CA LEU A 98 5.92 18.67 -2.69
C LEU A 98 6.93 18.32 -3.76
N THR A 99 7.47 17.10 -3.71
CA THR A 99 8.46 16.76 -4.71
C THR A 99 7.84 16.76 -6.11
N MET A 100 6.59 16.32 -6.24
CA MET A 100 5.96 16.43 -7.55
C MET A 100 5.62 17.88 -7.91
N MET A 101 5.12 18.68 -6.97
CA MET A 101 4.94 20.10 -7.26
C MET A 101 6.21 20.72 -7.85
N SER A 102 7.35 20.49 -7.21
CA SER A 102 8.58 21.09 -7.69
C SER A 102 9.01 20.53 -9.05
N VAL A 103 8.73 19.24 -9.30
CA VAL A 103 8.96 18.64 -10.62
C VAL A 103 7.94 19.14 -11.62
N ASP A 104 6.68 19.23 -11.19
CA ASP A 104 5.68 19.83 -12.06
C ASP A 104 6.05 21.27 -12.41
N ARG A 105 6.62 22.00 -11.45
CA ARG A 105 7.11 23.35 -11.72
C ARG A 105 8.32 23.32 -12.64
N TYR A 106 9.17 22.30 -12.48
CA TYR A 106 10.33 22.20 -13.34
C TYR A 106 9.89 22.09 -14.81
N ILE A 107 9.07 21.08 -15.11
CA ILE A 107 8.64 20.85 -16.49
C ILE A 107 7.64 21.92 -16.92
N ALA A 108 7.39 22.91 -16.08
CA ALA A 108 6.55 24.02 -16.49
C ALA A 108 7.38 25.18 -17.00
N VAL A 109 8.59 25.36 -16.46
CA VAL A 109 9.42 26.48 -16.88
C VAL A 109 10.65 26.02 -17.62
N CYS A 110 11.09 24.79 -17.42
CA CYS A 110 12.23 24.32 -18.18
C CYS A 110 11.83 23.41 -19.34
N HIS A 111 10.52 23.18 -19.56
CA HIS A 111 10.05 22.43 -20.73
C HIS A 111 8.70 22.97 -21.17
N PRO A 112 8.66 24.20 -21.70
CA PRO A 112 7.36 24.83 -22.00
C PRO A 112 6.63 24.23 -23.20
N VAL A 113 7.35 23.67 -24.18
CA VAL A 113 6.64 23.07 -25.31
C VAL A 113 6.02 21.74 -24.89
N LYS A 114 6.82 20.88 -24.27
CA LYS A 114 6.33 19.57 -23.83
C LYS A 114 5.19 19.72 -22.82
N ALA A 115 5.21 20.80 -22.04
CA ALA A 115 4.20 21.00 -21.01
C ALA A 115 2.82 21.24 -21.59
N LEU A 116 2.76 21.58 -22.89
CA LEU A 116 1.47 21.84 -23.50
C LEU A 116 0.60 20.59 -23.51
N ASP A 117 1.23 19.42 -23.34
CA ASP A 117 0.51 18.16 -23.22
C ASP A 117 0.85 17.39 -21.95
N PHE A 118 1.85 17.85 -21.16
CA PHE A 118 2.27 17.08 -20.00
C PHE A 118 1.63 17.59 -18.70
N ARG A 119 1.20 18.85 -18.65
CA ARG A 119 0.61 19.46 -17.46
C ARG A 119 -0.87 19.72 -17.69
N THR A 120 -1.72 18.85 -17.14
CA THR A 120 -3.18 18.95 -17.22
C THR A 120 -3.81 18.54 -15.90
N PRO A 121 -4.90 19.20 -15.48
CA PRO A 121 -5.51 18.84 -14.18
C PRO A 121 -5.91 17.37 -14.02
N LEU A 122 -6.15 16.65 -15.12
CA LEU A 122 -6.40 15.21 -15.01
C LEU A 122 -5.11 14.45 -14.72
N LYS A 123 -4.01 14.80 -15.41
CA LYS A 123 -2.75 14.12 -15.16
C LYS A 123 -2.28 14.31 -13.73
N ALA A 124 -2.57 15.49 -13.14
CA ALA A 124 -2.10 15.77 -11.79
C ALA A 124 -2.86 14.95 -10.76
N LYS A 125 -4.19 14.87 -10.89
CA LYS A 125 -4.98 14.01 -10.00
C LYS A 125 -4.49 12.57 -10.09
N ILE A 126 -4.08 12.12 -11.27
CA ILE A 126 -3.55 10.77 -11.43
C ILE A 126 -2.31 10.58 -10.56
N ILE A 127 -1.34 11.49 -10.68
CA ILE A 127 -0.14 11.43 -9.85
C ILE A 127 -0.47 11.58 -8.37
N ASN A 128 -1.55 12.31 -8.05
CA ASN A 128 -2.00 12.37 -6.66
C ASN A 128 -2.52 11.03 -6.18
N ILE A 129 -3.41 10.39 -6.95
CA ILE A 129 -3.87 9.06 -6.56
C ILE A 129 -2.69 8.10 -6.47
N CYS A 130 -1.81 8.14 -7.47
CA CYS A 130 -0.62 7.32 -7.44
C CYS A 130 0.16 7.50 -6.14
N ILE A 131 0.21 8.73 -5.62
CA ILE A 131 0.96 8.98 -4.40
C ILE A 131 0.27 8.34 -3.18
N TRP A 132 -1.07 8.36 -3.13
CA TRP A 132 -1.74 7.71 -2.00
C TRP A 132 -1.58 6.20 -2.04
N LEU A 133 -1.47 5.62 -3.24
CA LEU A 133 -1.26 4.19 -3.31
C LEU A 133 0.13 3.84 -2.80
N LEU A 134 1.15 4.57 -3.25
CA LEU A 134 2.51 4.35 -2.77
C LEU A 134 2.61 4.60 -1.27
N SER A 135 1.86 5.57 -0.77
CA SER A 135 1.84 5.84 0.66
C SER A 135 1.09 4.76 1.40
N SER A 136 0.13 4.10 0.72
CA SER A 136 -0.63 3.01 1.36
C SER A 136 0.27 1.83 1.73
N SER A 137 1.31 1.57 0.93
CA SER A 137 2.36 0.63 1.31
C SER A 137 2.62 0.72 2.80
N VAL A 138 3.20 1.84 3.25
CA VAL A 138 3.44 2.01 4.68
C VAL A 138 2.18 2.39 5.46
N GLY A 139 1.14 2.91 4.81
CA GLY A 139 -0.02 3.41 5.54
C GLY A 139 -0.97 2.31 5.98
N ILE A 140 -1.30 1.39 5.07
CA ILE A 140 -2.13 0.23 5.40
C ILE A 140 -1.40 -0.68 6.38
N SER A 141 -0.10 -0.92 6.13
CA SER A 141 0.68 -1.74 7.04
C SER A 141 0.65 -1.22 8.46
N ALA A 142 0.58 0.09 8.64
CA ALA A 142 0.56 0.60 10.01
C ALA A 142 -0.75 0.23 10.70
N ILE A 143 -1.83 0.14 9.94
CA ILE A 143 -3.11 -0.28 10.50
C ILE A 143 -3.03 -1.73 10.96
N VAL A 144 -2.37 -2.58 10.16
CA VAL A 144 -2.12 -3.98 10.52
C VAL A 144 -1.25 -4.08 11.77
N LEU A 145 -0.01 -3.60 11.67
CA LEU A 145 0.98 -3.72 12.74
C LEU A 145 0.77 -2.74 13.89
N GLY A 146 -0.29 -1.94 13.86
CA GLY A 146 -0.45 -0.91 14.88
C GLY A 146 -1.13 -1.47 16.11
N GLY A 147 -0.50 -1.25 17.26
CA GLY A 147 -1.00 -1.83 18.50
C GLY A 147 -0.34 -1.22 19.71
N THR A 148 -0.98 -1.44 20.86
CA THR A 148 -0.52 -0.93 22.15
C THR A 148 0.17 -2.02 22.95
N LYS A 149 1.21 -1.62 23.68
CA LYS A 149 2.10 -2.48 24.45
C LYS A 149 2.57 -1.71 25.68
N VAL A 150 2.46 -2.35 26.84
CA VAL A 150 2.91 -1.74 28.09
C VAL A 150 4.44 -1.67 28.12
N ARG A 151 4.98 -0.47 28.28
CA ARG A 151 6.42 -0.31 28.42
C ARG A 151 6.93 -1.15 29.59
N GLU A 152 8.16 -1.65 29.46
CA GLU A 152 8.70 -2.59 30.45
C GLU A 152 9.06 -1.88 31.75
N ASP A 153 10.08 -1.02 31.70
CA ASP A 153 10.55 -0.33 32.90
C ASP A 153 9.82 0.99 33.15
N VAL A 154 8.66 1.20 32.53
CA VAL A 154 7.88 2.43 32.72
C VAL A 154 6.49 2.18 33.30
N ASP A 155 5.86 1.03 33.04
CA ASP A 155 4.50 0.72 33.48
C ASP A 155 3.46 1.69 32.89
N VAL A 156 3.78 2.25 31.70
CA VAL A 156 2.91 3.14 30.93
C VAL A 156 2.54 2.43 29.63
N ILE A 157 1.42 2.89 29.00
CA ILE A 157 0.97 2.29 27.74
C ILE A 157 1.64 3.00 26.56
N GLU A 158 2.24 2.21 25.65
CA GLU A 158 2.94 2.74 24.50
C GLU A 158 2.18 2.33 23.24
N CYS A 159 2.06 3.26 22.29
CA CYS A 159 1.48 2.99 20.98
C CYS A 159 2.59 3.15 19.94
N SER A 160 2.79 2.12 19.12
CA SER A 160 3.87 2.08 18.14
C SER A 160 3.65 0.87 17.24
N LEU A 161 4.36 0.85 16.11
CA LEU A 161 4.22 -0.28 15.20
C LEU A 161 4.88 -1.50 15.81
N GLN A 162 4.31 -2.68 15.56
CA GLN A 162 4.80 -3.92 16.15
C GLN A 162 5.60 -4.71 15.12
N PHE A 163 6.84 -5.05 15.48
CA PHE A 163 7.71 -5.83 14.63
C PHE A 163 8.07 -7.13 15.33
N PRO A 164 8.35 -8.18 14.57
CA PRO A 164 8.97 -9.37 15.18
C PRO A 164 10.23 -9.06 15.98
N ASP A 165 10.15 -9.47 17.27
CA ASP A 165 11.11 -9.32 18.37
C ASP A 165 12.39 -10.13 18.17
N ASP A 166 12.51 -10.85 17.04
CA ASP A 166 13.73 -11.60 16.77
C ASP A 166 14.91 -10.67 16.51
N ASP A 167 14.83 -9.86 15.46
CA ASP A 167 15.82 -8.83 15.24
C ASP A 167 15.08 -7.50 15.13
N TYR A 168 14.54 -7.05 16.27
CA TYR A 168 13.90 -5.73 16.35
C TYR A 168 14.91 -4.62 16.11
N SER A 169 16.03 -4.64 16.85
CA SER A 169 17.05 -3.61 16.70
C SER A 169 17.48 -3.41 15.25
N TRP A 170 17.54 -4.48 14.44
CA TRP A 170 18.03 -4.33 13.05
C TRP A 170 16.98 -3.65 12.18
N TRP A 171 15.79 -4.26 12.09
CA TRP A 171 14.76 -3.74 11.20
C TRP A 171 14.29 -2.36 11.64
N ASP A 172 14.35 -2.07 12.94
CA ASP A 172 14.07 -0.70 13.36
C ASP A 172 15.08 0.25 12.74
N LEU A 173 16.37 0.06 13.01
CA LEU A 173 17.38 0.97 12.48
C LEU A 173 17.37 1.01 10.94
N PHE A 174 17.02 -0.08 10.28
CA PHE A 174 16.99 -0.05 8.81
C PHE A 174 15.79 0.72 8.30
N MET A 175 14.62 0.54 8.91
CA MET A 175 13.45 1.32 8.54
C MET A 175 13.70 2.80 8.76
N LYS A 176 14.23 3.17 9.94
CA LYS A 176 14.45 4.59 10.25
C LYS A 176 15.33 5.24 9.19
N ILE A 177 16.40 4.55 8.77
CA ILE A 177 17.32 5.05 7.74
C ILE A 177 16.59 5.21 6.41
N CYS A 178 15.82 4.19 6.01
CA CYS A 178 15.08 4.26 4.75
C CYS A 178 14.03 5.35 4.78
N VAL A 179 13.44 5.60 5.95
CA VAL A 179 12.54 6.74 6.07
C VAL A 179 13.30 8.05 5.91
N PHE A 180 14.38 8.16 6.67
CA PHE A 180 15.11 9.44 6.64
C PHE A 180 15.65 9.64 5.25
N ILE A 181 16.23 8.59 4.69
CA ILE A 181 16.87 8.78 3.36
C ILE A 181 15.83 8.96 2.28
N PHE A 182 14.82 8.08 2.17
CA PHE A 182 13.92 8.08 1.01
C PHE A 182 12.68 8.98 1.19
N ALA A 183 12.48 9.47 2.39
CA ALA A 183 11.31 10.33 2.56
C ALA A 183 11.75 11.68 3.07
N PHE A 184 13.07 11.84 3.38
CA PHE A 184 13.53 13.19 3.76
C PHE A 184 14.70 13.62 2.93
N VAL A 185 15.48 12.70 2.41
CA VAL A 185 16.67 13.21 1.69
C VAL A 185 16.55 13.00 0.21
N ILE A 186 15.71 12.06 -0.29
CA ILE A 186 15.94 11.91 -1.74
C ILE A 186 14.97 12.86 -2.38
N PRO A 187 13.90 13.12 -1.63
CA PRO A 187 12.92 14.15 -2.01
C PRO A 187 13.51 15.57 -2.03
N VAL A 188 14.20 15.97 -0.96
CA VAL A 188 14.79 17.30 -0.92
C VAL A 188 15.77 17.45 -2.07
N LEU A 189 16.68 16.46 -2.26
CA LEU A 189 17.61 16.49 -3.39
C LEU A 189 16.94 16.82 -4.70
N ILE A 190 15.88 16.07 -5.04
CA ILE A 190 15.14 16.31 -6.27
C ILE A 190 14.70 17.77 -6.35
N ILE A 191 14.11 18.28 -5.26
CA ILE A 191 13.64 19.65 -5.24
C ILE A 191 14.79 20.63 -5.49
N ILE A 192 15.95 20.40 -4.85
CA ILE A 192 17.09 21.31 -5.01
C ILE A 192 17.61 21.26 -6.45
N VAL A 193 17.67 20.06 -7.06
CA VAL A 193 17.95 19.98 -8.48
C VAL A 193 16.86 20.70 -9.27
N CYS A 194 15.59 20.28 -9.11
CA CYS A 194 14.52 21.02 -9.78
C CYS A 194 14.71 22.51 -9.75
N TYR A 195 15.02 23.06 -8.58
CA TYR A 195 14.86 24.50 -8.44
C TYR A 195 16.11 25.23 -8.91
N THR A 196 17.26 24.54 -8.96
CA THR A 196 18.46 25.19 -9.50
C THR A 196 18.36 25.31 -11.01
N LEU A 197 18.12 24.17 -11.70
CA LEU A 197 17.80 24.20 -13.13
C LEU A 197 16.78 25.29 -13.47
N MET A 198 16.00 25.74 -12.48
CA MET A 198 14.91 26.66 -12.76
C MET A 198 15.32 28.12 -12.55
N ILE A 199 15.98 28.46 -11.45
CA ILE A 199 16.35 29.86 -11.35
C ILE A 199 17.41 30.17 -12.40
N LEU A 200 18.07 29.15 -12.96
CA LEU A 200 19.07 29.44 -13.97
C LEU A 200 18.41 29.93 -15.26
N ARG A 201 17.26 29.34 -15.61
CA ARG A 201 16.45 29.85 -16.72
C ARG A 201 15.86 31.21 -16.40
N LEU A 202 15.41 31.40 -15.15
CA LEU A 202 14.69 32.62 -14.85
C LEU A 202 15.63 33.80 -14.69
N LYS A 203 16.94 33.53 -14.57
CA LYS A 203 17.88 34.64 -14.44
C LYS A 203 18.29 35.20 -15.81
N SER A 204 17.95 34.50 -16.90
CA SER A 204 18.40 34.90 -18.24
C SER A 204 17.29 34.92 -19.29
N VAL A 205 16.31 34.02 -19.19
CA VAL A 205 15.21 33.99 -20.15
C VAL A 205 14.44 35.31 -20.10
N ARG A 206 13.92 35.71 -21.26
CA ARG A 206 13.15 36.97 -21.33
C ARG A 206 11.68 36.64 -21.13
N LEU A 207 11.17 35.65 -21.86
CA LEU A 207 9.74 35.21 -21.78
C LEU A 207 9.70 33.69 -21.75
N LEU A 208 9.04 33.06 -20.76
CA LEU A 208 8.96 31.60 -20.75
C LEU A 208 7.87 31.08 -21.69
N SER A 209 6.69 31.70 -21.69
CA SER A 209 5.65 31.31 -22.64
C SER A 209 5.45 32.42 -23.64
N GLY A 210 4.45 32.24 -24.50
CA GLY A 210 4.16 33.25 -25.51
C GLY A 210 3.61 34.53 -24.88
N SER A 211 2.65 34.40 -23.96
CA SER A 211 2.10 35.58 -23.28
C SER A 211 3.09 36.14 -22.27
N ARG A 212 2.94 37.43 -21.95
CA ARG A 212 3.59 37.94 -20.75
C ARG A 212 2.84 37.47 -19.51
N GLU A 213 1.54 37.18 -19.66
CA GLU A 213 0.73 36.75 -18.51
C GLU A 213 1.08 35.32 -18.12
N LYS A 214 1.29 34.44 -19.11
CA LYS A 214 1.77 33.11 -18.76
C LYS A 214 3.08 33.23 -18.00
N ASP A 215 4.01 34.01 -18.52
CA ASP A 215 5.30 34.18 -17.86
C ASP A 215 5.17 34.88 -16.52
N ARG A 216 4.15 35.73 -16.34
CA ARG A 216 3.92 36.36 -15.05
C ARG A 216 3.49 35.33 -14.01
N ASN A 217 2.61 34.41 -14.38
CA ASN A 217 2.14 33.42 -13.42
C ASN A 217 3.14 32.28 -13.27
N LEU A 218 3.74 31.84 -14.38
CA LEU A 218 4.75 30.77 -14.32
C LEU A 218 5.85 31.13 -13.30
N ARG A 219 6.35 32.36 -13.34
CA ARG A 219 7.30 32.79 -12.32
C ARG A 219 6.65 32.88 -10.95
N ARG A 220 5.42 33.38 -10.90
CA ARG A 220 4.78 33.71 -9.63
C ARG A 220 4.46 32.46 -8.82
N ILE A 221 3.79 31.48 -9.44
CA ILE A 221 3.44 30.22 -8.76
C ILE A 221 4.70 29.47 -8.33
N THR A 222 5.72 29.46 -9.19
CA THR A 222 6.96 28.80 -8.81
C THR A 222 7.58 29.43 -7.57
N ARG A 223 7.35 30.72 -7.34
CA ARG A 223 7.83 31.31 -6.10
C ARG A 223 7.01 30.85 -4.90
N LEU A 224 5.67 30.83 -5.03
CA LEU A 224 4.81 30.21 -4.01
C LEU A 224 5.35 28.84 -3.63
N VAL A 225 5.45 27.94 -4.62
CA VAL A 225 5.90 26.57 -4.37
C VAL A 225 7.24 26.57 -3.65
N LEU A 226 8.16 27.44 -4.05
CA LEU A 226 9.45 27.52 -3.37
C LEU A 226 9.30 27.93 -1.92
N VAL A 227 8.32 28.76 -1.60
CA VAL A 227 8.14 29.16 -0.21
C VAL A 227 7.47 28.06 0.58
N VAL A 228 6.50 27.37 -0.03
CA VAL A 228 5.88 26.22 0.60
C VAL A 228 6.95 25.16 0.89
N VAL A 229 7.75 24.83 -0.14
CA VAL A 229 8.87 23.91 0.07
C VAL A 229 9.80 24.41 1.17
N ALA A 230 10.10 25.72 1.21
CA ALA A 230 11.03 26.23 2.21
C ALA A 230 10.50 26.05 3.64
N VAL A 231 9.25 26.47 3.90
CA VAL A 231 8.64 26.27 5.21
C VAL A 231 8.66 24.79 5.60
N PHE A 232 8.47 23.91 4.64
CA PHE A 232 8.39 22.47 4.93
C PHE A 232 9.71 21.92 5.43
N VAL A 233 10.80 22.18 4.71
CA VAL A 233 12.10 21.68 5.16
C VAL A 233 12.46 22.24 6.52
N VAL A 234 12.23 23.54 6.74
CA VAL A 234 12.54 24.17 8.03
C VAL A 234 11.79 23.49 9.19
N CYS A 235 10.49 23.22 9.01
CA CYS A 235 9.74 22.55 10.06
C CYS A 235 10.06 21.06 10.17
N TRP A 236 10.46 20.42 9.07
CA TRP A 236 10.57 18.98 9.13
C TRP A 236 11.99 18.49 9.34
N THR A 237 12.97 19.38 9.30
CA THR A 237 14.32 18.84 9.42
C THR A 237 14.69 18.52 10.86
N PRO A 238 14.21 19.25 11.87
CA PRO A 238 14.63 18.89 13.23
C PRO A 238 14.14 17.52 13.67
N ILE A 239 12.89 17.17 13.38
CA ILE A 239 12.36 15.89 13.84
C ILE A 239 13.08 14.74 13.15
N HIS A 240 13.35 14.87 11.86
CA HIS A 240 13.98 13.81 11.09
C HIS A 240 15.38 13.50 11.61
N ILE A 241 16.18 14.52 11.96
CA ILE A 241 17.50 14.18 12.48
C ILE A 241 17.39 13.79 13.95
N PHE A 242 16.21 13.98 14.55
CA PHE A 242 16.05 13.56 15.94
C PHE A 242 15.68 12.09 16.02
N ILE A 243 14.80 11.63 15.15
CA ILE A 243 14.47 10.21 15.11
C ILE A 243 15.71 9.41 14.72
N LEU A 244 16.64 10.06 14.02
CA LEU A 244 17.83 9.36 13.54
C LEU A 244 18.97 9.43 14.56
N VAL A 245 19.02 10.47 15.40
CA VAL A 245 20.05 10.55 16.42
C VAL A 245 19.74 9.61 17.58
N GLU A 246 18.45 9.42 17.88
CA GLU A 246 18.08 8.53 18.98
C GLU A 246 18.20 7.07 18.57
N ALA A 247 18.20 6.79 17.27
CA ALA A 247 18.38 5.42 16.80
C ALA A 247 19.83 4.97 16.92
N LEU A 248 20.76 5.75 16.38
CA LEU A 248 22.16 5.35 16.48
C LEU A 248 22.74 5.56 17.88
N GLY A 249 21.97 6.09 18.84
CA GLY A 249 22.42 6.30 20.20
C GLY A 249 21.38 6.02 21.28
N ALA A 256 15.97 10.67 28.11
CA ALA A 256 16.95 11.34 28.97
C ALA A 256 16.56 12.79 29.26
N ALA A 257 15.31 13.01 29.68
CA ALA A 257 14.75 14.35 29.90
C ALA A 257 14.93 15.23 28.67
N LEU A 258 14.57 14.68 27.51
CA LEU A 258 14.68 15.38 26.22
C LEU A 258 13.29 15.89 25.80
N SER A 259 13.05 17.18 26.05
CA SER A 259 11.85 17.86 25.57
C SER A 259 11.98 18.33 24.13
N SER A 260 13.16 18.07 23.52
CA SER A 260 13.35 18.34 22.10
C SER A 260 12.32 17.61 21.24
N TYR A 261 11.93 16.40 21.64
CA TYR A 261 10.99 15.60 20.85
C TYR A 261 9.64 16.30 20.70
N TYR A 262 9.14 16.92 21.77
CA TYR A 262 7.88 17.65 21.63
C TYR A 262 8.10 18.98 20.90
N PHE A 263 9.28 19.59 21.04
CA PHE A 263 9.52 20.83 20.29
C PHE A 263 9.54 20.55 18.79
N CYS A 264 10.32 19.55 18.34
CA CYS A 264 10.38 19.23 16.93
C CYS A 264 9.03 18.75 16.40
N ILE A 265 8.19 18.19 17.27
CA ILE A 265 6.83 17.87 16.83
C ILE A 265 6.01 19.15 16.75
N ALA A 266 6.29 20.12 17.64
CA ALA A 266 5.59 21.39 17.56
C ALA A 266 5.77 22.03 16.18
N LEU A 267 7.03 22.20 15.74
CA LEU A 267 7.25 22.72 14.39
C LEU A 267 6.46 21.94 13.33
N GLY A 268 6.54 20.61 13.36
CA GLY A 268 5.89 19.82 12.33
C GLY A 268 4.38 20.05 12.25
N TYR A 269 3.75 20.32 13.40
CA TYR A 269 2.33 20.64 13.45
C TYR A 269 2.05 22.09 13.09
N THR A 270 3.03 22.98 13.32
CA THR A 270 2.94 24.35 12.80
C THR A 270 2.81 24.35 11.28
N ASN A 271 3.71 23.63 10.60
CA ASN A 271 3.72 23.62 9.15
C ASN A 271 2.41 23.06 8.60
N SER A 272 1.79 22.10 9.30
CA SER A 272 0.48 21.59 8.90
C SER A 272 -0.56 22.71 8.84
N SER A 273 -0.42 23.71 9.72
CA SER A 273 -1.45 24.74 9.83
C SER A 273 -1.01 26.01 9.12
N LEU A 274 0.28 26.10 8.82
CA LEU A 274 0.84 27.27 8.18
C LEU A 274 0.53 27.31 6.69
N ASN A 275 0.41 26.14 6.07
CA ASN A 275 0.19 26.10 4.62
C ASN A 275 -1.12 26.72 4.13
N PRO A 276 -2.27 26.53 4.80
CA PRO A 276 -3.46 27.26 4.32
C PRO A 276 -3.23 28.75 4.23
N ILE A 277 -2.47 29.31 5.17
CA ILE A 277 -2.23 30.75 5.16
C ILE A 277 -1.25 31.15 4.07
N LEU A 278 -0.32 30.25 3.72
CA LEU A 278 0.69 30.58 2.72
C LEU A 278 0.10 30.70 1.33
N TYR A 279 -0.85 29.82 0.99
CA TYR A 279 -1.53 29.90 -0.29
C TYR A 279 -2.35 31.18 -0.39
N ALA A 280 -3.00 31.56 0.71
CA ALA A 280 -3.76 32.81 0.75
C ALA A 280 -2.86 34.02 0.60
N PHE A 281 -1.59 33.90 0.99
CA PHE A 281 -0.70 35.06 0.93
C PHE A 281 0.12 35.08 -0.35
N LEU A 282 0.47 33.92 -0.88
CA LEU A 282 1.40 33.84 -2.01
C LEU A 282 0.71 33.55 -3.33
N ASP A 283 -0.62 33.66 -3.37
CA ASP A 283 -1.38 33.45 -4.59
C ASP A 283 -2.42 34.54 -4.70
N GLU A 284 -2.40 35.29 -5.81
CA GLU A 284 -3.44 36.28 -6.02
C GLU A 284 -4.77 35.63 -6.34
N ASN A 285 -4.76 34.32 -6.65
CA ASN A 285 -6.02 33.62 -6.95
C ASN A 285 -6.67 33.06 -5.71
N PHE A 286 -5.90 32.40 -4.85
CA PHE A 286 -6.45 31.97 -3.56
C PHE A 286 -6.88 33.18 -2.74
N LYS A 287 -6.07 34.23 -2.75
CA LYS A 287 -6.43 35.45 -2.04
C LYS A 287 -7.74 36.03 -2.59
N ARG A 288 -8.00 35.87 -3.90
CA ARG A 288 -9.22 36.42 -4.48
C ARG A 288 -10.42 35.52 -4.25
N CYS A 289 -10.20 34.20 -4.18
CA CYS A 289 -11.35 33.30 -4.05
C CYS A 289 -11.86 33.31 -2.61
N PHE A 290 -10.94 33.36 -1.65
CA PHE A 290 -11.34 33.54 -0.25
C PHE A 290 -12.09 34.85 -0.05
N ARG A 291 -11.60 35.97 -0.61
CA ARG A 291 -12.24 37.26 -0.35
C ARG A 291 -13.64 37.30 -0.94
N ASP A 292 -13.85 36.58 -2.04
CA ASP A 292 -15.17 36.56 -2.65
C ASP A 292 -16.04 35.42 -2.12
N PHE A 293 -15.57 34.71 -1.10
CA PHE A 293 -16.31 33.62 -0.45
C PHE A 293 -16.71 34.01 0.97
N CYS A 294 -15.72 34.26 1.85
CA CYS A 294 -15.98 34.75 3.21
C CYS A 294 -16.74 36.08 3.22
N PHE A 295 -16.42 36.98 2.29
CA PHE A 295 -16.98 38.34 2.29
C PHE A 295 -17.49 38.70 0.90
N PRO A 296 -18.63 38.15 0.49
CA PRO A 296 -19.18 38.49 -0.84
C PRO A 296 -19.73 39.91 -0.86
N LEU A 297 -19.07 40.78 -1.62
CA LEU A 297 -19.50 42.17 -1.70
C LEU A 297 -20.58 42.36 -2.75
N ILE B 10 -35.13 -16.64 -17.90
CA ILE B 10 -34.39 -17.61 -17.10
C ILE B 10 -34.37 -17.15 -15.63
N ILE B 11 -33.86 -17.98 -14.72
CA ILE B 11 -33.76 -17.64 -13.30
C ILE B 11 -32.35 -17.11 -13.02
N THR B 12 -32.28 -15.90 -12.45
CA THR B 12 -31.05 -15.16 -12.28
C THR B 12 -30.81 -14.77 -10.83
N ALA B 13 -31.66 -15.22 -9.91
CA ALA B 13 -31.48 -14.84 -8.50
C ALA B 13 -30.27 -15.56 -7.89
N VAL B 14 -29.94 -16.77 -8.38
CA VAL B 14 -28.77 -17.49 -7.89
C VAL B 14 -27.52 -16.61 -8.01
N TYR B 15 -27.41 -15.85 -9.10
CA TYR B 15 -26.29 -14.92 -9.25
C TYR B 15 -26.29 -13.89 -8.12
N SER B 16 -27.45 -13.31 -7.83
CA SER B 16 -27.55 -12.40 -6.68
C SER B 16 -27.39 -13.15 -5.35
N VAL B 17 -27.76 -14.44 -5.31
CA VAL B 17 -27.62 -15.23 -4.08
C VAL B 17 -26.15 -15.35 -3.70
N VAL B 18 -25.31 -15.74 -4.67
CA VAL B 18 -23.88 -15.92 -4.44
C VAL B 18 -23.22 -14.58 -4.13
N PHE B 19 -23.77 -13.48 -4.65
CA PHE B 19 -23.20 -12.18 -4.33
C PHE B 19 -23.27 -11.86 -2.84
N VAL B 20 -24.36 -12.23 -2.17
CA VAL B 20 -24.51 -11.80 -0.79
C VAL B 20 -23.83 -12.79 0.16
N VAL B 21 -23.71 -14.06 -0.24
CA VAL B 21 -23.04 -15.05 0.61
C VAL B 21 -21.58 -14.68 0.76
N GLY B 22 -20.92 -14.36 -0.36
CA GLY B 22 -19.50 -14.05 -0.32
C GLY B 22 -19.21 -12.66 0.20
N LEU B 23 -20.15 -11.75 0.04
CA LEU B 23 -19.94 -10.41 0.57
C LEU B 23 -20.14 -10.39 2.07
N VAL B 24 -21.13 -11.16 2.57
CA VAL B 24 -21.42 -11.17 4.01
C VAL B 24 -20.55 -12.21 4.71
N GLY B 25 -20.38 -13.38 4.10
CA GLY B 25 -19.54 -14.41 4.71
C GLY B 25 -18.11 -13.94 4.94
N ASN B 26 -17.44 -13.52 3.86
CA ASN B 26 -16.05 -13.09 3.96
C ASN B 26 -15.88 -11.91 4.90
N SER B 27 -16.89 -11.07 5.01
CA SER B 27 -16.79 -9.97 5.95
C SER B 27 -17.12 -10.41 7.37
N LEU B 28 -17.91 -11.48 7.52
CA LEU B 28 -18.02 -12.13 8.83
C LEU B 28 -16.74 -12.85 9.23
N VAL B 29 -16.25 -13.75 8.37
CA VAL B 29 -14.95 -14.40 8.58
C VAL B 29 -13.91 -13.36 8.96
N MET B 30 -13.99 -12.19 8.34
CA MET B 30 -12.97 -11.17 8.52
C MET B 30 -13.17 -10.46 9.85
N PHE B 31 -14.43 -10.32 10.28
CA PHE B 31 -14.71 -9.65 11.54
C PHE B 31 -14.37 -10.55 12.73
N VAL B 32 -14.65 -11.85 12.64
CA VAL B 32 -14.51 -12.74 13.79
C VAL B 32 -13.06 -12.85 14.22
N ILE B 33 -12.14 -12.82 13.25
CA ILE B 33 -10.70 -12.88 13.56
C ILE B 33 -10.24 -11.61 14.25
N ILE B 34 -10.93 -10.49 13.99
CA ILE B 34 -10.49 -9.23 14.57
C ILE B 34 -10.97 -9.13 16.01
N ARG B 35 -12.30 -9.28 16.21
CA ARG B 35 -12.93 -8.99 17.50
C ARG B 35 -12.53 -10.01 18.56
N TYR B 36 -12.58 -11.31 18.22
CA TYR B 36 -12.32 -12.36 19.19
C TYR B 36 -10.83 -12.69 19.16
N THR B 37 -10.14 -12.44 20.28
CA THR B 37 -8.71 -12.72 20.37
C THR B 37 -8.43 -14.22 20.43
N LYS B 38 -9.45 -15.04 20.66
CA LYS B 38 -9.20 -16.46 20.84
C LYS B 38 -8.66 -17.10 19.58
N MET B 39 -9.03 -16.58 18.42
CA MET B 39 -8.71 -17.22 17.14
C MET B 39 -7.93 -16.25 16.24
N LYS B 40 -6.91 -15.63 16.82
CA LYS B 40 -5.89 -14.94 16.07
C LYS B 40 -4.73 -15.92 16.00
N THR B 41 -4.83 -16.88 15.06
CA THR B 41 -3.79 -17.85 14.77
C THR B 41 -3.06 -17.44 13.51
N ALA B 42 -1.81 -17.91 13.38
CA ALA B 42 -1.08 -17.72 12.13
C ALA B 42 -1.90 -18.20 10.92
N THR B 43 -2.54 -19.37 11.03
CA THR B 43 -3.36 -19.83 9.90
C THR B 43 -4.52 -18.87 9.63
N ASN B 44 -5.09 -18.27 10.68
CA ASN B 44 -6.24 -17.36 10.48
C ASN B 44 -5.82 -15.99 9.97
N ILE B 45 -4.57 -15.61 10.15
CA ILE B 45 -4.12 -14.37 9.53
C ILE B 45 -4.16 -14.53 8.01
N TYR B 46 -3.76 -15.70 7.51
CA TYR B 46 -3.84 -16.03 6.09
C TYR B 46 -5.28 -16.13 5.61
N ILE B 47 -6.16 -16.76 6.40
CA ILE B 47 -7.56 -16.81 6.03
C ILE B 47 -8.15 -15.41 6.00
N PHE B 48 -7.78 -14.55 6.97
CA PHE B 48 -8.26 -13.17 6.91
C PHE B 48 -7.91 -12.59 5.56
N ASN B 49 -6.62 -12.63 5.23
CA ASN B 49 -6.11 -12.01 4.01
C ASN B 49 -6.87 -12.52 2.79
N LEU B 50 -7.21 -13.82 2.79
CA LEU B 50 -7.86 -14.48 1.67
C LEU B 50 -9.35 -14.16 1.61
N ALA B 51 -9.96 -13.89 2.77
CA ALA B 51 -11.36 -13.44 2.76
C ALA B 51 -11.44 -12.00 2.29
N LEU B 52 -10.47 -11.17 2.71
CA LEU B 52 -10.35 -9.79 2.22
C LEU B 52 -10.32 -9.74 0.70
N ALA B 53 -9.48 -10.60 0.09
CA ALA B 53 -9.51 -10.77 -1.36
C ALA B 53 -10.89 -11.21 -1.85
N ASP B 54 -11.44 -12.23 -1.19
CA ASP B 54 -12.73 -12.81 -1.63
C ASP B 54 -13.83 -11.77 -1.47
N ALA B 55 -13.67 -10.85 -0.54
CA ALA B 55 -14.72 -9.82 -0.39
C ALA B 55 -14.59 -8.84 -1.55
N LEU B 56 -13.39 -8.26 -1.72
CA LEU B 56 -13.12 -7.23 -2.75
C LEU B 56 -13.50 -7.68 -4.16
N VAL B 57 -13.30 -8.95 -4.51
CA VAL B 57 -13.66 -9.43 -5.88
C VAL B 57 -15.14 -9.79 -5.94
N THR B 58 -15.83 -9.80 -4.80
CA THR B 58 -17.27 -10.12 -4.80
C THR B 58 -18.07 -8.85 -5.05
N THR B 59 -17.41 -7.69 -5.04
CA THR B 59 -18.04 -6.37 -5.29
C THR B 59 -17.91 -6.00 -6.77
N THR B 60 -17.74 -6.98 -7.64
CA THR B 60 -17.66 -6.76 -9.08
C THR B 60 -18.74 -7.60 -9.71
N MET B 61 -19.54 -8.28 -8.90
CA MET B 61 -20.56 -9.13 -9.52
C MET B 61 -21.62 -8.31 -10.24
N PRO B 62 -22.13 -7.18 -9.71
CA PRO B 62 -23.03 -6.37 -10.54
C PRO B 62 -22.39 -5.93 -11.85
N PHE B 63 -21.10 -5.59 -11.82
CA PHE B 63 -20.37 -5.23 -13.06
C PHE B 63 -20.40 -6.37 -14.06
N GLN B 64 -20.09 -7.59 -13.63
CA GLN B 64 -20.07 -8.73 -14.55
C GLN B 64 -21.46 -9.03 -15.09
N SER B 65 -22.49 -8.95 -14.24
CA SER B 65 -23.86 -9.19 -14.72
C SER B 65 -24.29 -8.11 -15.70
N THR B 66 -23.96 -6.83 -15.40
CA THR B 66 -24.31 -5.72 -16.28
C THR B 66 -23.74 -5.88 -17.67
N VAL B 67 -22.47 -6.29 -17.76
CA VAL B 67 -21.86 -6.57 -19.06
C VAL B 67 -22.47 -7.82 -19.68
N TYR B 68 -23.04 -8.71 -18.86
CA TYR B 68 -23.59 -9.96 -19.40
C TYR B 68 -24.87 -9.69 -20.19
N LEU B 69 -25.67 -8.73 -19.72
CA LEU B 69 -26.95 -8.44 -20.38
C LEU B 69 -26.76 -7.50 -21.58
N MET B 70 -26.09 -6.35 -21.35
CA MET B 70 -25.94 -5.35 -22.41
C MET B 70 -24.87 -5.73 -23.42
N ASN B 71 -24.00 -6.68 -23.09
CA ASN B 71 -22.84 -7.04 -23.92
C ASN B 71 -21.91 -5.86 -24.16
N SER B 72 -21.89 -4.90 -23.25
CA SER B 72 -20.97 -3.78 -23.45
C SER B 72 -20.53 -3.22 -22.10
N TRP B 73 -19.67 -2.19 -22.10
CA TRP B 73 -19.23 -1.62 -20.81
C TRP B 73 -19.96 -0.31 -20.59
N PRO B 74 -21.03 -0.27 -19.79
CA PRO B 74 -21.81 0.94 -19.56
C PRO B 74 -21.20 1.82 -18.46
N PHE B 75 -20.13 1.37 -17.81
CA PHE B 75 -19.48 2.20 -16.78
C PHE B 75 -18.40 3.04 -17.46
N GLY B 76 -17.60 3.78 -16.71
CA GLY B 76 -16.62 4.63 -17.39
C GLY B 76 -15.30 3.95 -17.68
N ASP B 77 -14.21 4.72 -17.67
CA ASP B 77 -12.89 4.10 -17.82
C ASP B 77 -12.36 3.98 -16.40
N VAL B 78 -12.70 4.96 -15.55
CA VAL B 78 -12.16 4.86 -14.19
C VAL B 78 -12.72 3.64 -13.47
N LEU B 79 -13.96 3.27 -13.78
CA LEU B 79 -14.52 2.05 -13.20
C LEU B 79 -14.06 0.82 -13.98
N CYS B 80 -13.50 1.03 -15.18
CA CYS B 80 -12.92 -0.09 -15.90
C CYS B 80 -11.52 -0.37 -15.39
N LYS B 81 -10.81 0.66 -14.94
CA LYS B 81 -9.46 0.44 -14.42
C LYS B 81 -9.51 -0.12 -13.01
N ILE B 82 -10.40 0.43 -12.16
CA ILE B 82 -10.54 -0.09 -10.81
C ILE B 82 -10.84 -1.58 -10.83
N VAL B 83 -11.89 -2.00 -11.55
CA VAL B 83 -12.26 -3.42 -11.48
C VAL B 83 -11.17 -4.29 -12.13
N LEU B 84 -10.39 -3.68 -13.01
CA LEU B 84 -9.29 -4.46 -13.62
C LEU B 84 -8.25 -4.59 -12.52
N SER B 85 -8.05 -3.53 -11.75
CA SER B 85 -7.08 -3.60 -10.64
C SER B 85 -7.56 -4.67 -9.66
N ILE B 86 -8.72 -4.42 -9.08
CA ILE B 86 -9.32 -5.33 -8.06
C ILE B 86 -9.25 -6.74 -8.61
N ASP B 87 -9.38 -6.91 -9.92
CA ASP B 87 -9.40 -8.28 -10.48
C ASP B 87 -8.03 -8.94 -10.28
N TYR B 88 -6.95 -8.24 -10.58
CA TYR B 88 -5.63 -8.91 -10.48
C TYR B 88 -5.25 -9.10 -9.01
N TYR B 89 -5.50 -8.07 -8.20
CA TYR B 89 -5.18 -8.15 -6.75
C TYR B 89 -5.84 -9.40 -6.20
N ASN B 90 -7.06 -9.69 -6.63
CA ASN B 90 -7.64 -10.94 -6.10
C ASN B 90 -6.95 -12.14 -6.74
N MET B 91 -6.67 -12.08 -8.03
CA MET B 91 -6.10 -13.26 -8.72
C MET B 91 -4.81 -13.72 -8.06
N PHE B 92 -3.92 -12.79 -7.74
CA PHE B 92 -2.60 -13.08 -7.19
C PHE B 92 -2.67 -13.29 -5.68
N THR B 93 -3.32 -12.37 -4.95
CA THR B 93 -3.47 -12.53 -3.50
C THR B 93 -4.05 -13.87 -3.12
N SER B 94 -5.10 -14.31 -3.81
CA SER B 94 -5.71 -15.57 -3.41
C SER B 94 -4.73 -16.73 -3.56
N ILE B 95 -4.05 -16.84 -4.71
CA ILE B 95 -3.23 -18.02 -4.93
C ILE B 95 -1.94 -17.93 -4.11
N PHE B 96 -1.41 -16.71 -3.91
CA PHE B 96 -0.20 -16.55 -3.11
C PHE B 96 -0.48 -16.78 -1.63
N THR B 97 -1.71 -16.51 -1.20
CA THR B 97 -2.10 -16.87 0.16
C THR B 97 -2.33 -18.37 0.29
N LEU B 98 -2.91 -19.02 -0.72
CA LEU B 98 -3.01 -20.46 -0.59
C LEU B 98 -1.63 -21.11 -0.64
N THR B 99 -0.71 -20.59 -1.45
CA THR B 99 0.63 -21.17 -1.41
C THR B 99 1.34 -20.92 -0.08
N MET B 100 1.15 -19.75 0.54
CA MET B 100 1.83 -19.54 1.82
C MET B 100 1.14 -20.23 3.00
N MET B 101 -0.17 -20.56 2.91
CA MET B 101 -0.75 -21.39 3.95
C MET B 101 -0.16 -22.78 3.88
N SER B 102 0.02 -23.29 2.66
CA SER B 102 0.44 -24.67 2.51
C SER B 102 1.90 -24.85 2.93
N VAL B 103 2.71 -23.79 2.77
CA VAL B 103 4.08 -23.77 3.27
C VAL B 103 4.10 -23.62 4.78
N ASP B 104 3.22 -22.77 5.27
CA ASP B 104 3.05 -22.56 6.73
C ASP B 104 2.74 -23.92 7.31
N ARG B 105 1.78 -24.62 6.73
CA ARG B 105 1.37 -25.94 7.22
C ARG B 105 2.54 -26.91 7.13
N TYR B 106 3.36 -26.85 6.09
CA TYR B 106 4.51 -27.78 5.97
C TYR B 106 5.40 -27.56 7.18
N ILE B 107 5.68 -26.30 7.47
CA ILE B 107 6.55 -25.93 8.62
C ILE B 107 5.92 -26.41 9.91
N ALA B 108 4.62 -26.25 10.03
CA ALA B 108 3.90 -26.60 11.27
C ALA B 108 3.99 -28.09 11.58
N VAL B 109 3.83 -28.97 10.58
CA VAL B 109 3.80 -30.43 10.89
C VAL B 109 5.12 -31.13 10.58
N CYS B 110 5.98 -30.56 9.74
CA CYS B 110 7.22 -31.30 9.40
C CYS B 110 8.43 -30.71 10.10
N HIS B 111 8.31 -29.52 10.64
CA HIS B 111 9.45 -28.88 11.35
C HIS B 111 8.92 -28.30 12.65
N PRO B 112 8.50 -29.13 13.63
CA PRO B 112 7.95 -28.64 14.89
C PRO B 112 8.93 -27.86 15.78
N VAL B 113 10.19 -28.27 15.80
CA VAL B 113 11.24 -27.61 16.63
C VAL B 113 11.48 -26.18 16.16
N LYS B 114 11.41 -25.94 14.86
CA LYS B 114 11.67 -24.58 14.32
C LYS B 114 10.38 -23.78 14.21
N ALA B 115 9.23 -24.40 14.47
CA ALA B 115 7.96 -23.66 14.36
C ALA B 115 7.65 -22.92 15.65
N LEU B 116 8.40 -23.17 16.71
CA LEU B 116 8.11 -22.44 17.97
C LEU B 116 8.41 -20.96 17.71
N ASP B 117 9.53 -20.69 17.04
CA ASP B 117 9.95 -19.30 16.75
C ASP B 117 9.53 -18.85 15.35
N PHE B 118 9.02 -19.73 14.49
CA PHE B 118 8.70 -19.26 13.11
C PHE B 118 7.21 -19.20 12.84
N ARG B 119 6.35 -19.42 13.83
CA ARG B 119 4.90 -19.37 13.54
C ARG B 119 4.23 -18.46 14.56
N THR B 120 4.55 -17.18 14.49
CA THR B 120 3.93 -16.20 15.40
C THR B 120 2.93 -15.46 14.54
N PRO B 121 1.71 -15.12 15.00
CA PRO B 121 0.72 -14.44 14.17
C PRO B 121 1.25 -13.13 13.60
N LEU B 122 2.06 -12.39 14.35
CA LEU B 122 2.65 -11.17 13.78
C LEU B 122 3.45 -11.54 12.54
N LYS B 123 4.27 -12.60 12.59
CA LYS B 123 5.06 -13.02 11.40
C LYS B 123 4.11 -13.28 10.25
N ALA B 124 2.95 -13.86 10.54
CA ALA B 124 1.97 -14.08 9.46
C ALA B 124 1.61 -12.73 8.86
N LYS B 125 1.32 -11.72 9.68
CA LYS B 125 0.98 -10.41 9.16
C LYS B 125 2.03 -9.93 8.17
N ILE B 126 3.32 -10.01 8.56
CA ILE B 126 4.38 -9.50 7.69
C ILE B 126 4.35 -10.22 6.34
N ILE B 127 4.21 -11.55 6.36
CA ILE B 127 4.16 -12.29 5.11
C ILE B 127 2.92 -11.97 4.30
N ASN B 128 1.81 -11.62 4.97
CA ASN B 128 0.63 -11.24 4.19
C ASN B 128 0.74 -9.80 3.72
N ILE B 129 1.50 -8.96 4.43
CA ILE B 129 1.82 -7.64 3.91
C ILE B 129 2.71 -7.76 2.68
N CYS B 130 3.73 -8.63 2.73
CA CYS B 130 4.54 -8.93 1.54
C CYS B 130 3.71 -9.49 0.39
N ILE B 131 2.62 -10.21 0.68
CA ILE B 131 1.84 -10.76 -0.42
C ILE B 131 1.10 -9.65 -1.15
N TRP B 132 0.55 -8.66 -0.43
CA TRP B 132 -0.19 -7.60 -1.11
C TRP B 132 0.74 -6.67 -1.88
N LEU B 133 1.99 -6.54 -1.42
CA LEU B 133 2.95 -5.73 -2.13
C LEU B 133 3.16 -6.26 -3.54
N LEU B 134 3.44 -7.57 -3.68
CA LEU B 134 3.58 -8.16 -5.01
C LEU B 134 2.27 -8.07 -5.81
N SER B 135 1.14 -8.37 -5.17
CA SER B 135 -0.10 -8.51 -5.93
C SER B 135 -0.62 -7.17 -6.43
N SER B 136 -0.66 -6.13 -5.56
CA SER B 136 -1.11 -4.81 -6.02
C SER B 136 -0.14 -4.24 -7.04
N SER B 137 1.12 -4.68 -7.00
CA SER B 137 2.08 -4.25 -8.00
C SER B 137 1.63 -4.65 -9.40
N VAL B 138 1.16 -5.89 -9.57
CA VAL B 138 0.61 -6.23 -10.88
C VAL B 138 -0.85 -5.78 -10.97
N GLY B 139 -1.41 -5.29 -9.86
CA GLY B 139 -2.72 -4.68 -9.92
C GLY B 139 -2.65 -3.21 -10.29
N ILE B 140 -1.52 -2.56 -9.96
CA ILE B 140 -1.26 -1.22 -10.47
C ILE B 140 -0.98 -1.25 -11.96
N SER B 141 -0.38 -2.33 -12.48
CA SER B 141 -0.13 -2.39 -13.91
C SER B 141 -1.43 -2.53 -14.69
N ALA B 142 -2.41 -3.26 -14.12
CA ALA B 142 -3.68 -3.41 -14.82
C ALA B 142 -4.41 -2.08 -14.92
N ILE B 143 -4.15 -1.17 -13.98
CA ILE B 143 -4.61 0.22 -14.11
C ILE B 143 -3.96 0.88 -15.33
N VAL B 144 -2.62 0.79 -15.42
CA VAL B 144 -1.93 1.35 -16.57
C VAL B 144 -2.43 0.67 -17.86
N LEU B 145 -2.32 -0.66 -17.92
CA LEU B 145 -2.62 -1.37 -19.16
C LEU B 145 -4.11 -1.37 -19.47
N GLY B 146 -4.97 -1.46 -18.45
CA GLY B 146 -6.39 -1.57 -18.71
C GLY B 146 -6.98 -0.28 -19.22
N GLY B 147 -8.21 -0.36 -19.73
CA GLY B 147 -8.85 0.83 -20.27
C GLY B 147 -10.04 0.48 -21.14
N THR B 148 -10.75 1.52 -21.57
CA THR B 148 -11.95 1.40 -22.39
C THR B 148 -11.67 1.76 -23.85
N LYS B 149 -12.41 1.13 -24.75
CA LYS B 149 -12.22 1.29 -26.18
C LYS B 149 -13.41 0.62 -26.88
N VAL B 150 -13.73 1.10 -28.08
CA VAL B 150 -14.85 0.59 -28.84
C VAL B 150 -14.34 -0.46 -29.84
N ARG B 151 -15.04 -1.59 -29.92
CA ARG B 151 -14.70 -2.62 -30.89
C ARG B 151 -14.79 -2.05 -32.29
N GLU B 152 -13.95 -2.59 -33.19
CA GLU B 152 -13.81 -1.99 -34.52
C GLU B 152 -15.15 -1.95 -35.26
N ASP B 153 -15.77 -3.11 -35.48
CA ASP B 153 -17.03 -3.19 -36.21
C ASP B 153 -18.24 -2.92 -35.33
N VAL B 154 -18.56 -3.83 -34.41
CA VAL B 154 -19.77 -3.69 -33.59
C VAL B 154 -19.65 -2.46 -32.69
N ASP B 155 -20.80 -1.83 -32.41
CA ASP B 155 -20.84 -0.66 -31.53
C ASP B 155 -21.08 -1.11 -30.08
N VAL B 156 -20.00 -1.56 -29.44
CA VAL B 156 -20.00 -2.01 -28.05
C VAL B 156 -18.69 -1.61 -27.39
N ILE B 157 -18.79 -0.96 -26.22
CA ILE B 157 -17.60 -0.60 -25.45
C ILE B 157 -16.95 -1.85 -24.84
N GLU B 158 -15.62 -1.87 -24.86
CA GLU B 158 -14.83 -2.98 -24.33
C GLU B 158 -13.94 -2.46 -23.21
N CYS B 159 -13.87 -3.22 -22.13
CA CYS B 159 -12.98 -2.95 -21.01
C CYS B 159 -11.97 -4.08 -20.93
N SER B 160 -10.73 -3.80 -21.28
CA SER B 160 -9.70 -4.83 -21.38
C SER B 160 -8.35 -4.19 -21.09
N LEU B 161 -7.27 -4.89 -21.46
CA LEU B 161 -5.91 -4.42 -21.27
C LEU B 161 -5.32 -3.97 -22.61
N GLN B 162 -4.70 -2.79 -22.62
CA GLN B 162 -4.22 -2.14 -23.83
C GLN B 162 -2.87 -1.48 -23.58
N ASP B 167 0.12 -2.83 -26.87
CA ASP B 167 0.40 -2.32 -28.20
C ASP B 167 0.60 -3.43 -29.26
N TYR B 168 0.91 -4.65 -28.82
CA TYR B 168 1.11 -5.80 -29.72
C TYR B 168 0.25 -6.97 -29.26
N SER B 169 -0.31 -7.71 -30.23
CA SER B 169 -1.18 -8.85 -29.88
C SER B 169 -0.37 -10.01 -29.32
N TRP B 170 0.94 -10.01 -29.58
CA TRP B 170 1.80 -11.07 -29.04
C TRP B 170 2.07 -10.85 -27.55
N TRP B 171 2.35 -9.60 -27.14
CA TRP B 171 2.59 -9.33 -25.73
C TRP B 171 1.37 -9.66 -24.87
N ASP B 172 0.18 -9.60 -25.47
CA ASP B 172 -1.01 -10.09 -24.79
C ASP B 172 -0.93 -11.60 -24.53
N LEU B 173 -0.55 -12.38 -25.56
CA LEU B 173 -0.37 -13.81 -25.33
C LEU B 173 0.86 -14.07 -24.47
N PHE B 174 1.85 -13.17 -24.47
CA PHE B 174 3.00 -13.39 -23.60
C PHE B 174 2.61 -13.24 -22.13
N MET B 175 1.99 -12.11 -21.81
CA MET B 175 1.61 -11.83 -20.40
C MET B 175 0.65 -12.92 -19.93
N LYS B 176 -0.28 -13.33 -20.77
CA LYS B 176 -1.22 -14.40 -20.34
C LYS B 176 -0.39 -15.64 -20.04
N ILE B 177 0.55 -15.99 -20.89
CA ILE B 177 1.42 -17.17 -20.60
C ILE B 177 2.21 -16.88 -19.33
N CYS B 178 2.72 -15.67 -19.19
CA CYS B 178 3.52 -15.33 -17.99
C CYS B 178 2.65 -15.52 -16.75
N VAL B 179 1.41 -15.06 -16.79
CA VAL B 179 0.50 -15.20 -15.63
C VAL B 179 0.22 -16.67 -15.36
N PHE B 180 0.01 -17.47 -16.40
CA PHE B 180 -0.33 -18.89 -16.14
C PHE B 180 0.82 -19.57 -15.39
N ILE B 181 2.05 -19.33 -15.82
CA ILE B 181 3.21 -19.98 -15.16
C ILE B 181 3.38 -19.46 -13.73
N PHE B 182 3.32 -18.15 -13.49
CA PHE B 182 3.67 -17.61 -12.16
C PHE B 182 2.46 -17.44 -11.23
N ALA B 183 1.24 -17.38 -11.73
CA ALA B 183 0.06 -17.26 -10.88
C ALA B 183 -0.65 -18.58 -10.64
N PHE B 184 -0.48 -19.56 -11.52
CA PHE B 184 -1.05 -20.92 -11.30
C PHE B 184 -0.05 -22.08 -11.24
N VAL B 185 0.71 -22.33 -12.30
CA VAL B 185 1.54 -23.57 -12.33
C VAL B 185 2.59 -23.58 -11.23
N ILE B 186 3.35 -22.51 -11.02
CA ILE B 186 4.41 -22.68 -9.99
C ILE B 186 3.79 -22.83 -8.61
N PRO B 187 2.82 -22.00 -8.20
CA PRO B 187 2.25 -22.10 -6.88
C PRO B 187 1.62 -23.47 -6.69
N VAL B 188 0.91 -24.01 -7.67
CA VAL B 188 0.33 -25.37 -7.44
C VAL B 188 1.45 -26.40 -7.30
N LEU B 189 2.57 -26.25 -7.99
CA LEU B 189 3.68 -27.22 -7.81
C LEU B 189 4.14 -27.16 -6.37
N ILE B 190 4.26 -25.99 -5.78
CA ILE B 190 4.72 -25.99 -4.37
C ILE B 190 3.67 -26.69 -3.51
N ILE B 191 2.38 -26.44 -3.70
CA ILE B 191 1.40 -27.12 -2.81
C ILE B 191 1.47 -28.63 -3.05
N ILE B 192 1.35 -29.06 -4.29
CA ILE B 192 1.53 -30.47 -4.61
C ILE B 192 2.73 -31.02 -3.84
N VAL B 193 3.87 -30.33 -3.85
CA VAL B 193 5.02 -30.85 -3.11
C VAL B 193 4.78 -30.82 -1.60
N CYS B 194 4.41 -29.66 -1.04
CA CYS B 194 4.15 -29.52 0.40
C CYS B 194 3.29 -30.66 0.94
N TYR B 195 2.19 -30.97 0.28
CA TYR B 195 1.26 -31.96 0.83
C TYR B 195 1.72 -33.42 0.62
N THR B 196 2.51 -33.65 -0.42
CA THR B 196 3.18 -34.93 -0.59
C THR B 196 4.07 -35.28 0.60
N LEU B 197 4.83 -34.32 1.13
CA LEU B 197 5.69 -34.56 2.28
C LEU B 197 4.91 -34.54 3.60
N MET B 198 3.81 -33.79 3.67
CA MET B 198 3.02 -33.77 4.90
C MET B 198 2.21 -35.05 5.09
N ILE B 199 1.66 -35.60 4.00
CA ILE B 199 0.87 -36.82 4.11
C ILE B 199 1.76 -38.00 4.47
N LEU B 200 3.02 -37.97 4.05
CA LEU B 200 3.91 -39.02 4.53
C LEU B 200 4.08 -38.93 6.05
N ARG B 201 4.25 -37.72 6.57
CA ARG B 201 4.53 -37.61 8.01
C ARG B 201 3.25 -37.72 8.81
N LEU B 202 2.10 -37.40 8.21
CA LEU B 202 0.87 -37.65 8.96
C LEU B 202 0.61 -39.14 9.07
N LYS B 203 1.07 -39.92 8.11
CA LYS B 203 0.85 -41.36 8.18
C LYS B 203 1.91 -42.04 9.04
N SER B 204 3.17 -41.58 8.94
CA SER B 204 4.27 -42.23 9.65
C SER B 204 4.29 -41.89 11.14
N VAL B 205 4.08 -40.61 11.51
CA VAL B 205 4.24 -40.16 12.89
C VAL B 205 2.99 -40.46 13.72
N ARG B 206 3.20 -40.80 14.99
CA ARG B 206 2.12 -41.16 15.92
C ARG B 206 1.53 -39.95 16.62
N LEU B 207 2.38 -39.14 17.23
CA LEU B 207 1.95 -37.99 18.00
C LEU B 207 2.82 -36.84 17.47
N LEU B 208 2.16 -35.84 16.84
CA LEU B 208 2.90 -34.88 16.01
C LEU B 208 3.72 -33.89 16.81
N SER B 209 3.17 -33.30 17.86
CA SER B 209 3.87 -32.23 18.54
C SER B 209 4.11 -32.49 20.02
N GLY B 210 3.94 -33.73 20.48
CA GLY B 210 4.18 -34.06 21.86
C GLY B 210 2.98 -33.83 22.76
N SER B 211 1.94 -33.18 22.24
CA SER B 211 0.69 -32.97 22.95
C SER B 211 -0.44 -33.52 22.10
N ARG B 212 -1.23 -34.41 22.68
CA ARG B 212 -2.31 -35.05 21.95
C ARG B 212 -3.34 -34.03 21.46
N GLU B 213 -3.28 -32.79 21.97
CA GLU B 213 -4.15 -31.74 21.45
C GLU B 213 -3.48 -30.94 20.34
N LYS B 214 -2.16 -30.72 20.40
CA LYS B 214 -1.51 -30.13 19.22
C LYS B 214 -1.69 -31.01 18.01
N ASP B 215 -1.38 -32.28 18.18
CA ASP B 215 -1.49 -33.27 17.10
C ASP B 215 -2.88 -33.22 16.50
N ARG B 216 -3.91 -33.14 17.33
CA ARG B 216 -5.26 -33.13 16.73
C ARG B 216 -5.42 -31.87 15.89
N ASN B 217 -5.00 -30.73 16.42
CA ASN B 217 -5.18 -29.44 15.72
C ASN B 217 -4.35 -29.37 14.45
N LEU B 218 -3.09 -29.80 14.47
CA LEU B 218 -2.26 -29.72 13.25
C LEU B 218 -2.89 -30.57 12.15
N ARG B 219 -3.37 -31.75 12.50
CA ARG B 219 -4.01 -32.64 11.52
C ARG B 219 -5.32 -31.99 11.08
N ARG B 220 -6.12 -31.52 12.01
CA ARG B 220 -7.46 -31.05 11.63
C ARG B 220 -7.38 -29.87 10.67
N ILE B 221 -6.45 -28.93 10.91
CA ILE B 221 -6.34 -27.71 10.10
C ILE B 221 -5.58 -27.93 8.80
N THR B 222 -4.67 -28.90 8.75
CA THR B 222 -4.08 -29.26 7.48
C THR B 222 -5.11 -29.82 6.52
N ARG B 223 -6.13 -30.54 7.03
CA ARG B 223 -7.20 -30.97 6.13
C ARG B 223 -8.01 -29.78 5.61
N LEU B 224 -8.27 -28.81 6.49
CA LEU B 224 -9.00 -27.60 6.07
C LEU B 224 -8.32 -26.94 4.89
N VAL B 225 -7.02 -26.65 5.01
CA VAL B 225 -6.32 -25.98 3.92
C VAL B 225 -6.31 -26.86 2.68
N LEU B 226 -6.30 -28.18 2.87
CA LEU B 226 -6.22 -29.06 1.71
C LEU B 226 -7.49 -28.98 0.89
N VAL B 227 -8.64 -29.03 1.56
CA VAL B 227 -9.92 -28.85 0.86
C VAL B 227 -9.98 -27.45 0.22
N VAL B 228 -9.68 -26.40 0.99
CA VAL B 228 -9.75 -25.01 0.50
C VAL B 228 -8.87 -24.82 -0.73
N VAL B 229 -7.69 -25.44 -0.73
CA VAL B 229 -6.86 -25.41 -1.92
C VAL B 229 -7.44 -26.29 -3.02
N ALA B 230 -7.88 -27.49 -2.68
CA ALA B 230 -8.44 -28.39 -3.68
C ALA B 230 -9.66 -27.78 -4.36
N VAL B 231 -10.57 -27.19 -3.59
CA VAL B 231 -11.71 -26.52 -4.18
C VAL B 231 -11.24 -25.40 -5.13
N PHE B 232 -10.14 -24.73 -4.75
CA PHE B 232 -9.67 -23.56 -5.49
C PHE B 232 -9.13 -23.91 -6.87
N VAL B 233 -8.39 -25.01 -6.98
CA VAL B 233 -7.87 -25.39 -8.30
C VAL B 233 -9.02 -25.84 -9.21
N VAL B 234 -9.97 -26.61 -8.67
CA VAL B 234 -11.10 -27.06 -9.50
C VAL B 234 -11.89 -25.88 -10.05
N CYS B 235 -12.05 -24.81 -9.26
CA CYS B 235 -12.75 -23.62 -9.75
C CYS B 235 -11.90 -22.81 -10.73
N TRP B 236 -10.58 -22.76 -10.53
CA TRP B 236 -9.79 -21.85 -11.35
C TRP B 236 -9.07 -22.54 -12.49
N THR B 237 -9.10 -23.88 -12.55
CA THR B 237 -8.50 -24.54 -13.72
C THR B 237 -9.24 -24.27 -15.02
N PRO B 238 -10.59 -24.32 -15.09
CA PRO B 238 -11.23 -24.16 -16.41
C PRO B 238 -11.13 -22.75 -16.94
N ILE B 239 -10.95 -21.75 -16.08
CA ILE B 239 -10.84 -20.37 -16.55
C ILE B 239 -9.43 -20.06 -16.97
N HIS B 240 -8.45 -20.72 -16.36
CA HIS B 240 -7.05 -20.46 -16.69
C HIS B 240 -6.64 -21.16 -17.99
N ILE B 241 -7.21 -22.35 -18.25
CA ILE B 241 -6.92 -23.02 -19.51
C ILE B 241 -7.77 -22.43 -20.63
N PHE B 242 -8.78 -21.64 -20.27
CA PHE B 242 -9.66 -21.07 -21.28
C PHE B 242 -9.04 -19.79 -21.85
N ILE B 243 -8.54 -18.91 -20.98
CA ILE B 243 -7.87 -17.69 -21.45
C ILE B 243 -6.62 -18.03 -22.24
N LEU B 244 -6.05 -19.22 -22.02
CA LEU B 244 -4.86 -19.60 -22.76
C LEU B 244 -5.22 -20.25 -24.09
N VAL B 245 -6.30 -21.02 -24.13
CA VAL B 245 -6.76 -21.56 -25.41
C VAL B 245 -7.28 -20.44 -26.31
N GLU B 246 -8.01 -19.47 -25.74
CA GLU B 246 -8.53 -18.40 -26.59
C GLU B 246 -7.41 -17.51 -27.11
N ALA B 247 -6.25 -17.52 -26.44
CA ALA B 247 -5.14 -16.72 -26.93
C ALA B 247 -4.60 -17.29 -28.24
N LEU B 248 -4.98 -18.54 -28.55
CA LEU B 248 -4.55 -19.21 -29.77
C LEU B 248 -5.59 -18.92 -30.87
N GLY B 249 -6.03 -17.67 -30.89
CA GLY B 249 -7.00 -17.19 -31.85
C GLY B 249 -7.36 -15.72 -31.68
N ALA B 257 -19.06 -22.12 -27.01
CA ALA B 257 -17.76 -21.57 -26.60
C ALA B 257 -17.94 -20.37 -25.66
N LEU B 258 -18.62 -19.31 -26.11
CA LEU B 258 -18.88 -18.17 -25.23
C LEU B 258 -19.74 -18.58 -24.03
N SER B 259 -20.62 -19.58 -24.21
CA SER B 259 -21.41 -20.06 -23.08
C SER B 259 -20.53 -20.82 -22.09
N SER B 260 -19.42 -21.37 -22.57
CA SER B 260 -18.44 -21.99 -21.68
C SER B 260 -17.70 -20.93 -20.86
N TYR B 261 -17.40 -19.78 -21.47
CA TYR B 261 -16.64 -18.72 -20.81
C TYR B 261 -17.27 -18.29 -19.51
N TYR B 262 -18.59 -18.03 -19.53
CA TYR B 262 -19.27 -17.61 -18.31
C TYR B 262 -19.37 -18.73 -17.28
N PHE B 263 -19.41 -19.99 -17.73
CA PHE B 263 -19.37 -21.09 -16.78
C PHE B 263 -17.98 -21.22 -16.15
N CYS B 264 -16.97 -20.65 -16.79
CA CYS B 264 -15.65 -20.54 -16.18
C CYS B 264 -15.60 -19.36 -15.20
N ILE B 265 -16.39 -18.31 -15.45
CA ILE B 265 -16.44 -17.18 -14.52
C ILE B 265 -17.37 -17.49 -13.34
N ALA B 266 -18.45 -18.23 -13.58
CA ALA B 266 -19.31 -18.61 -12.47
C ALA B 266 -18.55 -19.46 -11.46
N LEU B 267 -17.70 -20.38 -11.94
CA LEU B 267 -16.90 -21.18 -11.01
C LEU B 267 -16.05 -20.30 -10.10
N GLY B 268 -15.46 -19.23 -10.64
CA GLY B 268 -14.54 -18.43 -9.84
C GLY B 268 -15.23 -17.55 -8.82
N TYR B 269 -16.44 -17.11 -9.13
CA TYR B 269 -17.24 -16.33 -8.20
C TYR B 269 -17.85 -17.21 -7.12
N THR B 270 -18.21 -18.45 -7.47
CA THR B 270 -18.65 -19.44 -6.50
C THR B 270 -17.57 -19.75 -5.46
N ASN B 271 -16.31 -19.90 -5.91
CA ASN B 271 -15.23 -20.14 -4.97
C ASN B 271 -15.09 -19.00 -3.97
N SER B 272 -15.22 -17.75 -4.44
CA SER B 272 -15.05 -16.60 -3.56
C SER B 272 -16.03 -16.63 -2.40
N SER B 273 -17.17 -17.29 -2.59
CA SER B 273 -18.22 -17.32 -1.57
C SER B 273 -18.30 -18.65 -0.84
N LEU B 274 -17.74 -19.72 -1.41
CA LEU B 274 -17.66 -21.00 -0.73
C LEU B 274 -16.72 -20.97 0.46
N ASN B 275 -15.59 -20.26 0.35
CA ASN B 275 -14.59 -20.32 1.42
C ASN B 275 -15.17 -20.06 2.81
N PRO B 276 -16.06 -19.08 3.03
CA PRO B 276 -16.63 -18.94 4.38
C PRO B 276 -17.37 -20.18 4.85
N ILE B 277 -18.17 -20.78 3.95
CA ILE B 277 -18.90 -22.00 4.27
C ILE B 277 -17.94 -23.14 4.59
N LEU B 278 -16.81 -23.19 3.90
CA LEU B 278 -15.83 -24.26 4.13
C LEU B 278 -15.18 -24.11 5.49
N TYR B 279 -14.87 -22.88 5.92
CA TYR B 279 -14.31 -22.68 7.25
C TYR B 279 -15.28 -23.15 8.32
N ALA B 280 -16.58 -23.00 8.05
CA ALA B 280 -17.60 -23.38 9.01
C ALA B 280 -17.65 -24.89 9.20
N PHE B 281 -17.50 -25.65 8.12
CA PHE B 281 -17.62 -27.09 8.30
C PHE B 281 -16.27 -27.72 8.63
N LEU B 282 -15.17 -27.08 8.23
CA LEU B 282 -13.88 -27.72 8.42
C LEU B 282 -13.19 -27.28 9.71
N ASP B 283 -13.57 -26.13 10.27
CA ASP B 283 -12.93 -25.58 11.46
C ASP B 283 -13.97 -25.49 12.57
N GLU B 284 -13.74 -26.19 13.68
CA GLU B 284 -14.70 -26.14 14.78
C GLU B 284 -14.71 -24.79 15.47
N ASN B 285 -13.60 -24.06 15.40
CA ASN B 285 -13.55 -22.72 15.98
C ASN B 285 -14.28 -21.71 15.10
N PHE B 286 -14.23 -21.87 13.79
CA PHE B 286 -15.07 -21.03 12.96
C PHE B 286 -16.53 -21.41 13.12
N LYS B 287 -16.80 -22.72 13.16
CA LYS B 287 -18.16 -23.20 13.40
C LYS B 287 -18.71 -22.62 14.71
N ARG B 288 -17.83 -22.39 15.69
CA ARG B 288 -18.30 -22.01 17.02
C ARG B 288 -18.64 -20.52 17.10
N CYS B 289 -17.92 -19.68 16.34
CA CYS B 289 -18.20 -18.24 16.35
C CYS B 289 -19.31 -17.87 15.39
N PHE B 290 -19.56 -18.70 14.38
CA PHE B 290 -20.69 -18.42 13.53
C PHE B 290 -21.97 -18.67 14.32
N ARG B 291 -21.88 -19.53 15.35
CA ARG B 291 -23.03 -19.77 16.21
C ARG B 291 -23.23 -18.61 17.17
N ASP B 292 -22.25 -18.31 18.02
CA ASP B 292 -22.45 -17.31 19.06
C ASP B 292 -22.61 -15.90 18.49
N PHE B 293 -22.19 -15.67 17.24
CA PHE B 293 -22.45 -14.39 16.61
C PHE B 293 -23.84 -14.38 15.95
N CYS B 294 -24.26 -15.49 15.34
CA CYS B 294 -25.57 -15.53 14.69
C CYS B 294 -26.70 -15.93 15.63
N PHE B 295 -26.48 -16.90 16.51
CA PHE B 295 -27.51 -17.46 17.40
C PHE B 295 -27.10 -17.44 18.87
N PRO B 296 -27.05 -16.25 19.53
CA PRO B 296 -26.53 -16.16 20.91
C PRO B 296 -27.40 -16.85 21.96
N GLN C 3 -16.33 -46.52 14.77
CA GLN C 3 -16.07 -46.91 16.16
C GLN C 3 -15.06 -48.07 16.25
N VAL C 4 -14.54 -48.34 17.45
CA VAL C 4 -13.67 -49.49 17.72
C VAL C 4 -14.05 -50.14 19.04
N GLN C 5 -13.94 -51.47 19.08
CA GLN C 5 -14.32 -52.27 20.23
C GLN C 5 -13.21 -53.23 20.59
N LEU C 6 -12.82 -53.26 21.86
CA LEU C 6 -11.81 -54.18 22.38
C LEU C 6 -12.46 -55.46 22.93
N GLN C 7 -12.12 -56.59 22.30
CA GLN C 7 -12.61 -57.91 22.66
C GLN C 7 -11.58 -58.62 23.54
N GLU C 8 -11.98 -58.94 24.77
CA GLU C 8 -11.11 -59.61 25.73
C GLU C 8 -11.58 -61.04 26.03
N SER C 9 -10.62 -61.95 26.23
CA SER C 9 -10.96 -63.30 26.68
C SER C 9 -9.76 -63.90 27.39
N GLY C 10 -10.05 -64.82 28.32
CA GLY C 10 -9.02 -65.66 28.89
C GLY C 10 -8.90 -65.64 30.40
N GLY C 11 -9.69 -64.83 31.09
CA GLY C 11 -9.61 -64.78 32.53
C GLY C 11 -10.54 -65.77 33.19
N GLY C 12 -10.54 -65.73 34.52
CA GLY C 12 -11.44 -66.56 35.29
C GLY C 12 -10.85 -66.93 36.63
N LEU C 13 -11.51 -67.87 37.30
CA LEU C 13 -11.01 -68.43 38.56
C LEU C 13 -10.11 -69.62 38.25
N VAL C 14 -8.97 -69.70 38.94
CA VAL C 14 -7.98 -70.73 38.65
C VAL C 14 -7.14 -70.93 39.90
N GLN C 15 -6.65 -72.16 40.12
CA GLN C 15 -5.91 -72.42 41.35
C GLN C 15 -4.45 -72.01 41.17
N ALA C 16 -3.77 -71.72 42.28
CA ALA C 16 -2.44 -71.13 42.20
C ALA C 16 -1.50 -72.04 41.42
N GLY C 17 -0.38 -71.45 40.96
CA GLY C 17 0.57 -72.15 40.11
C GLY C 17 0.07 -72.58 38.73
N GLU C 18 -1.22 -72.34 38.40
CA GLU C 18 -1.78 -72.59 37.07
C GLU C 18 -1.50 -71.43 36.13
N SER C 19 -1.72 -71.67 34.83
CA SER C 19 -1.45 -70.69 33.78
C SER C 19 -2.75 -70.28 33.08
N LEU C 20 -2.75 -69.05 32.57
CA LEU C 20 -3.85 -68.50 31.78
C LEU C 20 -3.31 -67.86 30.50
N ARG C 21 -4.22 -67.38 29.66
CA ARG C 21 -3.83 -66.66 28.44
C ARG C 21 -4.85 -65.59 28.14
N LEU C 22 -4.41 -64.36 27.94
CA LEU C 22 -5.31 -63.24 27.75
C LEU C 22 -5.15 -62.70 26.32
N SER C 23 -6.26 -62.46 25.63
CA SER C 23 -6.15 -61.81 24.33
C SER C 23 -6.93 -60.52 24.37
N CYS C 24 -6.59 -59.64 23.45
CA CYS C 24 -7.29 -58.39 23.27
C CYS C 24 -7.14 -58.03 21.80
N ALA C 25 -8.22 -58.21 21.06
CA ALA C 25 -8.29 -57.89 19.65
C ALA C 25 -8.88 -56.51 19.54
N ALA C 26 -8.33 -55.70 18.64
CA ALA C 26 -8.89 -54.39 18.37
C ALA C 26 -9.73 -54.50 17.09
N SER C 27 -11.04 -54.54 17.26
CA SER C 27 -11.96 -54.62 16.15
C SER C 27 -12.44 -53.23 15.81
N GLY C 28 -12.72 -52.98 14.53
CA GLY C 28 -13.31 -51.73 14.10
C GLY C 28 -12.43 -51.02 13.08
N THR C 29 -12.81 -49.77 12.81
CA THR C 29 -12.06 -48.93 11.87
C THR C 29 -10.76 -48.45 12.52
N ILE C 30 -9.68 -49.21 12.30
CA ILE C 30 -8.35 -48.87 12.79
C ILE C 30 -7.54 -48.35 11.61
N PHE C 31 -7.08 -47.10 11.67
CA PHE C 31 -6.16 -46.63 10.63
C PHE C 31 -4.70 -46.90 10.99
N ARG C 32 -4.36 -46.89 12.28
CA ARG C 32 -3.05 -47.30 12.74
C ARG C 32 -3.12 -47.52 14.25
N LEU C 33 -2.73 -48.71 14.70
CA LEU C 33 -2.62 -49.06 16.12
C LEU C 33 -1.19 -48.79 16.59
N TYR C 34 -1.08 -48.25 17.80
CA TYR C 34 0.24 -47.82 18.25
C TYR C 34 0.78 -48.68 19.39
N ASP C 35 0.16 -48.67 20.56
CA ASP C 35 0.66 -49.42 21.71
C ASP C 35 -0.50 -50.12 22.41
N MET C 36 -0.40 -51.45 22.54
CA MET C 36 -1.40 -52.22 23.29
C MET C 36 -0.76 -52.87 24.53
N GLY C 37 -1.56 -52.99 25.58
CA GLY C 37 -1.04 -53.48 26.85
C GLY C 37 -2.11 -53.86 27.85
N TRP C 38 -1.64 -54.46 28.93
CA TRP C 38 -2.50 -54.92 30.02
C TRP C 38 -2.16 -54.10 31.27
N TYR C 39 -3.18 -53.60 31.96
CA TYR C 39 -3.03 -52.82 33.18
C TYR C 39 -3.97 -53.41 34.22
N ARG C 40 -3.40 -53.94 35.32
CA ARG C 40 -4.19 -54.67 36.34
C ARG C 40 -4.94 -53.76 37.28
N GLY C 44 -5.86 -49.94 46.17
CA GLY C 44 -6.09 -48.53 45.82
C GLY C 44 -6.44 -48.37 44.33
N ASN C 45 -5.83 -47.38 43.68
CA ASN C 45 -6.08 -47.15 42.25
C ASN C 45 -5.63 -48.35 41.43
N GLN C 46 -6.53 -48.90 40.62
CA GLN C 46 -6.19 -50.12 39.88
C GLN C 46 -5.07 -49.88 38.86
N ARG C 47 -5.17 -48.84 38.03
CA ARG C 47 -4.34 -48.71 36.82
C ARG C 47 -2.84 -48.80 37.12
N GLU C 48 -2.23 -49.95 36.83
CA GLU C 48 -0.82 -50.26 37.06
C GLU C 48 -0.33 -51.16 35.93
N LEU C 49 0.80 -50.83 35.32
CA LEU C 49 1.28 -51.59 34.17
C LEU C 49 1.63 -53.02 34.56
N VAL C 50 1.28 -53.98 33.69
CA VAL C 50 1.66 -55.38 33.85
C VAL C 50 2.34 -55.93 32.59
N ALA C 51 1.86 -55.52 31.40
CA ALA C 51 2.58 -55.81 30.15
C ALA C 51 2.07 -54.92 29.02
N SER C 52 2.99 -54.29 28.27
CA SER C 52 2.63 -53.48 27.09
C SER C 52 3.63 -53.72 25.97
N ILE C 53 3.12 -53.89 24.74
CA ILE C 53 3.98 -54.15 23.59
C ILE C 53 3.67 -53.14 22.49
N THR C 54 4.72 -52.69 21.80
CA THR C 54 4.57 -51.74 20.72
C THR C 54 4.30 -52.48 19.41
N SER C 55 3.99 -51.72 18.36
CA SER C 55 3.74 -52.36 17.06
C SER C 55 5.04 -52.89 16.47
N GLY C 56 6.18 -52.44 17.01
CA GLY C 56 7.45 -53.00 16.58
C GLY C 56 7.78 -54.31 17.27
N GLY C 57 7.54 -54.38 18.59
CA GLY C 57 7.84 -55.58 19.35
C GLY C 57 8.57 -55.29 20.65
N SER C 58 8.76 -54.00 20.93
CA SER C 58 9.37 -53.58 22.19
C SER C 58 8.41 -53.79 23.36
N THR C 59 8.80 -54.64 24.30
CA THR C 59 7.93 -55.02 25.41
C THR C 59 8.38 -54.32 26.69
N LYS C 60 7.50 -54.37 27.70
CA LYS C 60 7.75 -53.77 29.02
C LYS C 60 6.77 -54.36 30.02
N TYR C 61 7.29 -55.11 31.01
CA TYR C 61 6.48 -55.82 31.98
C TYR C 61 6.53 -55.11 33.33
N GLY C 62 5.52 -55.37 34.16
CA GLY C 62 5.54 -54.85 35.51
C GLY C 62 6.69 -55.41 36.31
N ASP C 63 6.95 -54.80 37.47
CA ASP C 63 8.05 -55.29 38.29
C ASP C 63 7.80 -56.74 38.74
N SER C 64 6.55 -57.03 39.13
CA SER C 64 6.21 -58.33 39.71
C SER C 64 5.94 -59.39 38.65
N VAL C 65 5.62 -58.95 37.43
CA VAL C 65 5.12 -59.87 36.40
C VAL C 65 6.21 -60.36 35.46
N LYS C 66 7.40 -59.75 35.49
CA LYS C 66 8.49 -60.24 34.65
C LYS C 66 8.98 -61.61 35.13
N GLY C 67 9.33 -62.47 34.17
CA GLY C 67 9.75 -63.81 34.48
C GLY C 67 8.66 -64.85 34.40
N ARG C 68 7.41 -64.50 34.73
CA ARG C 68 6.30 -65.41 34.59
C ARG C 68 5.35 -65.11 33.43
N PHE C 69 5.12 -63.85 33.09
CA PHE C 69 4.19 -63.53 32.02
C PHE C 69 4.97 -63.28 30.74
N THR C 70 4.30 -63.45 29.58
CA THR C 70 4.94 -63.33 28.26
C THR C 70 3.98 -62.69 27.26
N ILE C 71 4.31 -61.48 26.80
CA ILE C 71 3.41 -60.71 25.93
C ILE C 71 3.87 -60.83 24.48
N SER C 72 2.90 -60.74 23.55
CA SER C 72 3.12 -61.06 22.15
C SER C 72 1.99 -60.47 21.33
N ARG C 73 2.35 -59.98 20.15
CA ARG C 73 1.46 -59.17 19.34
C ARG C 73 1.42 -59.69 17.91
N ASP C 74 0.21 -59.77 17.38
CA ASP C 74 -0.03 -60.21 16.00
C ASP C 74 -0.59 -59.03 15.24
N ASN C 75 0.32 -58.27 14.60
CA ASN C 75 -0.06 -57.03 13.91
C ASN C 75 -0.99 -57.32 12.75
N ALA C 76 -0.90 -58.53 12.19
CA ALA C 76 -1.82 -58.94 11.14
C ALA C 76 -3.24 -59.06 11.66
N LYS C 77 -3.39 -59.43 12.94
CA LYS C 77 -4.72 -59.67 13.49
C LYS C 77 -5.14 -58.60 14.50
N ASN C 78 -4.30 -57.58 14.72
CA ASN C 78 -4.56 -56.49 15.67
C ASN C 78 -4.85 -56.99 17.08
N THR C 79 -4.42 -58.21 17.37
CA THR C 79 -4.65 -58.78 18.68
C THR C 79 -3.32 -58.95 19.37
N VAL C 80 -3.40 -58.85 20.69
CA VAL C 80 -2.26 -59.00 21.57
C VAL C 80 -2.60 -60.17 22.49
N TYR C 81 -1.59 -60.92 22.95
CA TYR C 81 -1.77 -62.10 23.79
C TYR C 81 -0.90 -61.93 25.03
N LEU C 82 -1.38 -62.34 26.19
CA LEU C 82 -0.55 -62.34 27.40
C LEU C 82 -0.61 -63.73 28.04
N GLN C 83 0.52 -64.44 28.03
CA GLN C 83 0.65 -65.78 28.60
C GLN C 83 1.09 -65.69 30.06
N MET C 84 0.15 -65.87 30.98
CA MET C 84 0.41 -65.81 32.40
C MET C 84 0.68 -67.21 32.93
N SER C 85 1.85 -67.42 33.52
CA SER C 85 2.25 -68.69 34.09
C SER C 85 2.57 -68.52 35.57
N SER C 86 2.48 -69.64 36.30
CA SER C 86 2.79 -69.71 37.73
C SER C 86 2.07 -68.57 38.48
N LEU C 87 0.75 -68.52 38.27
CA LEU C 87 -0.10 -67.53 38.92
C LEU C 87 -0.06 -67.73 40.43
N LYS C 88 -0.17 -66.62 41.15
CA LYS C 88 -0.20 -66.58 42.61
C LYS C 88 -1.43 -65.81 43.03
N PRO C 89 -1.85 -65.94 44.31
CA PRO C 89 -3.06 -65.23 44.74
C PRO C 89 -2.85 -63.73 44.80
N GLU C 90 -1.58 -63.31 44.86
CA GLU C 90 -1.23 -61.90 44.77
C GLU C 90 -1.63 -61.33 43.41
N ASP C 91 -1.56 -62.16 42.36
CA ASP C 91 -1.97 -61.72 41.03
C ASP C 91 -3.47 -61.56 40.86
N THR C 92 -4.26 -61.69 41.93
CA THR C 92 -5.71 -61.60 41.76
C THR C 92 -6.10 -60.13 41.64
N ALA C 93 -6.71 -59.76 40.52
CA ALA C 93 -7.22 -58.42 40.31
C ALA C 93 -8.09 -58.42 39.07
N VAL C 94 -8.45 -57.22 38.59
CA VAL C 94 -9.06 -57.11 37.28
C VAL C 94 -8.03 -56.56 36.31
N TYR C 95 -7.93 -57.16 35.13
CA TYR C 95 -6.94 -56.82 34.12
C TYR C 95 -7.62 -56.12 32.94
N TYR C 96 -7.32 -54.83 32.77
CA TYR C 96 -7.91 -53.99 31.74
C TYR C 96 -6.96 -53.83 30.56
N CYS C 97 -7.50 -53.99 29.35
CA CYS C 97 -6.73 -53.89 28.12
C CYS C 97 -6.77 -52.46 27.58
N ASN C 98 -5.73 -52.06 26.85
CA ASN C 98 -5.58 -50.67 26.46
C ASN C 98 -4.88 -50.58 25.09
N ALA C 99 -5.44 -49.75 24.21
CA ALA C 99 -4.91 -49.57 22.85
C ALA C 99 -4.92 -48.10 22.46
N GLU C 100 -3.76 -47.57 22.06
CA GLU C 100 -3.63 -46.30 21.35
C GLU C 100 -3.80 -46.52 19.85
N TYR C 101 -4.89 -46.01 19.30
CA TYR C 101 -5.18 -46.15 17.90
C TYR C 101 -5.47 -44.77 17.31
N ARG C 102 -5.64 -44.75 16.00
CA ARG C 102 -6.06 -43.56 15.27
C ARG C 102 -7.05 -44.00 14.21
N THR C 103 -8.24 -43.41 14.22
CA THR C 103 -9.25 -43.82 13.24
C THR C 103 -8.90 -43.37 11.82
N GLY C 104 -8.29 -42.19 11.63
CA GLY C 104 -7.91 -41.76 10.29
C GLY C 104 -6.68 -40.87 10.25
N ILE C 105 -6.25 -40.55 9.02
CA ILE C 105 -5.06 -39.72 8.80
C ILE C 105 -5.19 -38.39 9.56
N TRP C 106 -6.32 -37.72 9.39
CA TRP C 106 -6.60 -36.41 9.97
C TRP C 106 -7.17 -36.47 11.39
N GLU C 107 -7.46 -37.65 11.92
CA GLU C 107 -8.10 -37.73 13.22
C GLU C 107 -7.09 -37.78 14.37
N GLU C 108 -7.60 -37.49 15.58
CA GLU C 108 -6.73 -37.39 16.74
C GLU C 108 -6.31 -38.78 17.21
N LEU C 109 -5.32 -38.78 18.10
CA LEU C 109 -4.89 -39.99 18.78
C LEU C 109 -5.79 -40.30 19.97
N LEU C 110 -6.14 -41.56 20.13
CA LEU C 110 -7.10 -41.97 21.14
C LEU C 110 -6.56 -43.13 21.97
N ASP C 111 -7.10 -43.26 23.16
CA ASP C 111 -6.69 -44.27 24.11
C ASP C 111 -7.93 -45.06 24.50
N GLY C 112 -8.06 -46.27 23.95
CA GLY C 112 -9.24 -47.08 24.23
C GLY C 112 -9.06 -48.18 25.24
N TRP C 113 -9.87 -48.17 26.33
CA TRP C 113 -9.87 -49.23 27.34
C TRP C 113 -10.95 -50.28 27.03
N GLY C 114 -10.79 -51.47 27.60
CA GLY C 114 -11.78 -52.52 27.48
C GLY C 114 -12.59 -52.69 28.76
N GLN C 115 -13.59 -53.57 28.70
CA GLN C 115 -14.48 -53.76 29.86
C GLN C 115 -13.68 -54.20 31.09
N GLY C 116 -12.78 -55.16 30.92
CA GLY C 116 -12.05 -55.71 32.04
C GLY C 116 -12.27 -57.19 32.27
N THR C 117 -11.18 -57.92 32.54
CA THR C 117 -11.18 -59.36 32.73
C THR C 117 -10.81 -59.69 34.16
N GLN C 118 -11.62 -60.55 34.79
CA GLN C 118 -11.49 -60.87 36.21
C GLN C 118 -10.63 -62.13 36.37
N VAL C 119 -9.63 -62.08 37.26
CA VAL C 119 -8.74 -63.19 37.54
C VAL C 119 -8.61 -63.35 39.05
N THR C 120 -8.88 -64.55 39.55
CA THR C 120 -8.90 -64.81 41.00
C THR C 120 -8.19 -66.14 41.28
N VAL C 121 -6.91 -66.05 41.67
CA VAL C 121 -6.05 -67.22 41.94
C VAL C 121 -6.27 -67.73 43.36
N SER C 122 -6.73 -68.98 43.46
CA SER C 122 -6.90 -69.70 44.72
C SER C 122 -5.58 -69.89 45.46
N SER C 123 -5.64 -69.96 46.80
CA SER C 123 -4.43 -70.05 47.60
C SER C 123 -3.89 -71.47 47.71
N GLN D 3 9.54 51.96 -11.68
CA GLN D 3 10.80 52.43 -11.11
C GLN D 3 11.96 52.41 -12.13
N VAL D 4 11.79 53.08 -13.27
CA VAL D 4 12.81 53.14 -14.32
C VAL D 4 12.81 54.53 -14.93
N GLN D 5 13.99 55.15 -14.97
CA GLN D 5 14.20 56.44 -15.62
C GLN D 5 15.05 56.27 -16.88
N LEU D 6 14.64 56.93 -17.96
CA LEU D 6 15.37 56.92 -19.22
C LEU D 6 15.89 58.31 -19.52
N GLN D 7 17.10 58.38 -20.08
CA GLN D 7 17.71 59.64 -20.50
C GLN D 7 17.99 59.65 -22.00
N GLU D 8 17.30 60.52 -22.73
CA GLU D 8 17.40 60.61 -24.18
C GLU D 8 18.12 61.87 -24.68
N SER D 9 18.75 61.77 -25.86
CA SER D 9 19.40 62.93 -26.48
C SER D 9 19.49 62.77 -28.00
N GLY D 10 19.60 63.91 -28.67
CA GLY D 10 20.08 63.93 -30.04
C GLY D 10 19.09 64.34 -31.09
N GLY D 11 17.87 64.68 -30.70
CA GLY D 11 16.91 65.18 -31.65
C GLY D 11 17.10 66.65 -31.96
N GLY D 12 16.18 67.18 -32.74
CA GLY D 12 16.16 68.58 -33.08
C GLY D 12 15.92 68.79 -34.56
N LEU D 13 16.00 70.06 -34.95
CA LEU D 13 15.96 70.51 -36.34
C LEU D 13 17.25 70.20 -37.07
N VAL D 14 17.11 69.56 -38.22
CA VAL D 14 18.25 69.19 -39.06
C VAL D 14 17.78 69.24 -40.52
N GLN D 15 18.70 69.56 -41.42
CA GLN D 15 18.37 69.66 -42.82
C GLN D 15 18.42 68.27 -43.45
N ALA D 16 17.69 68.10 -44.56
CA ALA D 16 17.62 66.79 -45.19
C ALA D 16 19.01 66.27 -45.53
N GLY D 17 19.13 64.95 -45.68
CA GLY D 17 20.41 64.32 -45.94
C GLY D 17 21.48 64.56 -44.89
N GLU D 18 21.15 65.17 -43.76
CA GLU D 18 22.03 65.27 -42.61
C GLU D 18 21.86 64.02 -41.72
N SER D 19 22.76 63.86 -40.75
CA SER D 19 22.77 62.68 -39.89
C SER D 19 22.64 63.09 -38.43
N LEU D 20 21.89 62.28 -37.66
CA LEU D 20 21.75 62.47 -36.22
C LEU D 20 22.37 61.30 -35.47
N ARG D 21 22.23 61.33 -34.14
CA ARG D 21 22.59 60.22 -33.25
C ARG D 21 21.84 60.37 -31.94
N LEU D 22 21.06 59.34 -31.60
CA LEU D 22 20.25 59.32 -30.38
C LEU D 22 20.92 58.40 -29.38
N SER D 23 20.79 58.70 -28.08
CA SER D 23 21.16 57.70 -27.09
C SER D 23 20.03 57.60 -26.09
N CYS D 24 19.97 56.47 -25.41
CA CYS D 24 18.98 56.23 -24.38
C CYS D 24 19.62 55.45 -23.24
N ALA D 25 19.52 56.00 -22.03
CA ALA D 25 20.17 55.42 -20.86
C ALA D 25 19.09 54.95 -19.90
N ALA D 26 19.06 53.64 -19.65
CA ALA D 26 18.13 53.05 -18.71
C ALA D 26 18.73 53.09 -17.31
N SER D 27 18.06 53.82 -16.42
CA SER D 27 18.48 54.01 -15.05
C SER D 27 17.33 53.64 -14.13
N GLY D 28 17.67 53.05 -13.00
CA GLY D 28 16.71 52.73 -11.96
C GLY D 28 17.20 51.55 -11.14
N THR D 29 16.29 50.99 -10.35
CA THR D 29 16.53 49.74 -9.63
C THR D 29 15.90 48.63 -10.45
N ILE D 30 16.74 47.87 -11.16
CA ILE D 30 16.30 46.82 -12.07
C ILE D 30 17.14 45.56 -11.81
N PHE D 31 16.62 44.40 -12.22
CA PHE D 31 17.37 43.15 -12.10
C PHE D 31 18.08 42.82 -13.41
N ARG D 32 17.38 42.96 -14.54
CA ARG D 32 17.95 42.60 -15.83
C ARG D 32 17.14 43.28 -16.92
N LEU D 33 17.85 43.97 -17.83
CA LEU D 33 17.27 44.54 -19.04
C LEU D 33 17.26 43.50 -20.16
N TYR D 34 16.24 43.58 -21.04
CA TYR D 34 16.00 42.54 -22.04
C TYR D 34 16.04 43.06 -23.47
N ASP D 35 15.17 44.02 -23.85
CA ASP D 35 15.18 44.67 -25.18
C ASP D 35 15.07 46.18 -25.06
N MET D 36 16.05 46.87 -25.65
CA MET D 36 16.03 48.31 -25.79
C MET D 36 15.82 48.67 -27.27
N GLY D 37 15.19 49.83 -27.53
CA GLY D 37 14.90 50.24 -28.90
C GLY D 37 14.14 51.55 -29.01
N TRP D 38 14.10 52.07 -30.24
CA TRP D 38 13.46 53.35 -30.53
C TRP D 38 12.14 53.12 -31.27
N TYR D 39 11.10 53.84 -30.86
CA TYR D 39 9.78 53.72 -31.47
C TYR D 39 9.29 55.08 -31.92
N ARG D 40 8.36 55.09 -32.87
CA ARG D 40 7.74 56.34 -33.32
C ARG D 40 6.29 56.12 -33.75
N ARG D 47 2.37 54.58 -32.86
CA ARG D 47 3.73 54.12 -32.53
C ARG D 47 4.17 52.88 -33.32
N GLU D 48 4.92 53.08 -34.41
CA GLU D 48 5.53 51.99 -35.16
C GLU D 48 7.00 51.81 -34.77
N LEU D 49 7.57 50.65 -35.09
CA LEU D 49 8.95 50.35 -34.75
C LEU D 49 9.92 50.99 -35.74
N VAL D 50 11.06 51.46 -35.23
CA VAL D 50 12.17 51.92 -36.08
C VAL D 50 13.45 51.09 -35.88
N ALA D 51 13.86 50.86 -34.63
CA ALA D 51 15.04 50.01 -34.40
C ALA D 51 15.05 49.49 -32.96
N SER D 52 15.44 48.22 -32.80
CA SER D 52 15.47 47.56 -31.49
C SER D 52 16.61 46.56 -31.44
N ILE D 53 17.02 46.20 -30.24
CA ILE D 53 18.19 45.36 -30.08
C ILE D 53 18.05 44.58 -28.77
N THR D 54 18.45 43.31 -28.79
CA THR D 54 18.30 42.45 -27.63
C THR D 54 19.51 42.57 -26.71
N SER D 55 19.52 41.77 -25.64
CA SER D 55 20.70 41.65 -24.78
C SER D 55 21.88 41.07 -25.56
N GLY D 56 21.60 40.16 -26.48
CA GLY D 56 22.61 39.55 -27.30
C GLY D 56 22.94 40.31 -28.56
N GLY D 57 22.49 41.56 -28.68
CA GLY D 57 22.88 42.42 -29.76
C GLY D 57 22.27 42.12 -31.10
N SER D 58 21.26 41.25 -31.14
CA SER D 58 20.55 41.01 -32.40
C SER D 58 19.56 42.14 -32.65
N THR D 59 19.64 42.71 -33.84
CA THR D 59 18.94 43.93 -34.19
C THR D 59 17.78 43.65 -35.14
N LYS D 60 16.78 44.51 -35.06
CA LYS D 60 15.58 44.49 -35.89
C LYS D 60 15.26 45.93 -36.26
N TYR D 61 15.08 46.18 -37.56
CA TYR D 61 14.82 47.53 -38.07
C TYR D 61 13.47 47.59 -38.78
N GLY D 62 12.79 48.74 -38.65
CA GLY D 62 11.55 48.93 -39.37
C GLY D 62 11.75 48.97 -40.87
N ASP D 63 10.64 48.82 -41.60
CA ASP D 63 10.72 48.81 -43.07
C ASP D 63 11.05 50.19 -43.63
N SER D 64 10.67 51.24 -42.90
CA SER D 64 10.90 52.61 -43.38
C SER D 64 12.36 53.03 -43.22
N VAL D 65 13.19 52.15 -42.67
CA VAL D 65 14.60 52.42 -42.38
C VAL D 65 15.44 51.48 -43.25
N LYS D 66 15.66 51.90 -44.50
CA LYS D 66 16.29 51.04 -45.50
C LYS D 66 17.82 51.06 -45.31
N GLY D 67 18.24 50.51 -44.17
CA GLY D 67 19.66 50.47 -43.82
C GLY D 67 20.26 51.81 -43.42
N ARG D 68 19.45 52.86 -43.34
CA ARG D 68 19.99 54.16 -43.02
C ARG D 68 20.35 54.28 -41.54
N PHE D 69 19.57 53.67 -40.65
CA PHE D 69 19.82 53.71 -39.21
C PHE D 69 20.50 52.41 -38.74
N THR D 70 21.28 52.53 -37.67
CA THR D 70 22.02 51.44 -37.06
C THR D 70 22.13 51.62 -35.56
N ILE D 71 21.71 50.61 -34.80
CA ILE D 71 21.54 50.72 -33.36
C ILE D 71 22.54 49.82 -32.64
N SER D 72 23.39 50.43 -31.82
CA SER D 72 24.35 49.69 -31.02
C SER D 72 23.90 49.70 -29.57
N ARG D 73 24.66 48.99 -28.74
CA ARG D 73 24.32 48.86 -27.33
C ARG D 73 25.59 48.75 -26.51
N ASP D 74 25.54 49.31 -25.34
CA ASP D 74 26.62 49.17 -24.39
C ASP D 74 25.95 48.59 -23.16
N ASN D 75 26.00 47.27 -23.01
CA ASN D 75 25.34 46.66 -21.87
C ASN D 75 25.98 47.13 -20.57
N ALA D 76 27.31 47.27 -20.58
CA ALA D 76 28.04 47.81 -19.42
C ALA D 76 27.39 49.06 -18.87
N LYS D 77 26.99 49.99 -19.74
CA LYS D 77 26.42 51.30 -19.36
C LYS D 77 24.92 51.38 -19.56
N ASN D 78 24.22 50.27 -19.78
CA ASN D 78 22.76 50.24 -19.97
C ASN D 78 22.27 51.36 -20.87
N THR D 79 23.01 51.62 -21.96
CA THR D 79 22.69 52.67 -22.91
C THR D 79 22.62 52.05 -24.29
N VAL D 80 21.69 52.54 -25.09
CA VAL D 80 21.52 52.12 -26.48
C VAL D 80 21.71 53.37 -27.35
N TYR D 81 22.38 53.21 -28.50
CA TYR D 81 22.69 54.32 -29.40
C TYR D 81 22.08 54.06 -30.77
N LEU D 82 21.47 55.10 -31.36
CA LEU D 82 20.86 55.01 -32.68
C LEU D 82 21.56 55.97 -33.61
N GLN D 83 22.37 55.44 -34.53
CA GLN D 83 23.08 56.24 -35.54
C GLN D 83 22.19 56.43 -36.77
N MET D 84 21.51 57.57 -36.86
CA MET D 84 20.63 57.86 -37.98
C MET D 84 21.44 58.57 -39.07
N SER D 85 21.44 58.02 -40.30
CA SER D 85 22.20 58.59 -41.40
C SER D 85 21.32 58.69 -42.63
N SER D 86 21.62 59.68 -43.48
CA SER D 86 20.86 59.98 -44.72
C SER D 86 19.42 60.36 -44.43
N LEU D 87 19.23 61.34 -43.55
CA LEU D 87 17.86 61.71 -43.16
C LEU D 87 17.08 62.31 -44.33
N LYS D 88 15.80 61.94 -44.39
CA LYS D 88 14.80 62.37 -45.36
C LYS D 88 13.75 63.18 -44.61
N PRO D 89 12.99 64.02 -45.31
CA PRO D 89 11.96 64.80 -44.61
C PRO D 89 10.79 63.96 -44.14
N GLU D 90 10.59 62.77 -44.73
CA GLU D 90 9.57 61.83 -44.29
C GLU D 90 9.95 61.12 -42.99
N ASP D 91 11.10 61.45 -42.39
CA ASP D 91 11.49 60.93 -41.07
C ASP D 91 11.04 61.80 -39.90
N THR D 92 10.39 62.93 -40.13
CA THR D 92 10.09 63.84 -39.04
C THR D 92 8.99 63.21 -38.17
N ALA D 93 9.34 62.84 -36.94
CA ALA D 93 8.35 62.36 -35.98
C ALA D 93 9.00 62.40 -34.60
N VAL D 94 8.24 61.95 -33.59
CA VAL D 94 8.75 61.88 -32.23
C VAL D 94 9.33 60.48 -32.01
N TYR D 95 10.59 60.43 -31.59
CA TYR D 95 11.29 59.17 -31.37
C TYR D 95 11.29 58.79 -29.90
N TYR D 96 10.47 57.79 -29.55
CA TYR D 96 10.32 57.31 -28.19
C TYR D 96 11.26 56.15 -27.95
N CYS D 97 12.02 56.21 -26.86
CA CYS D 97 12.88 55.11 -26.45
C CYS D 97 12.06 54.10 -25.66
N ASN D 98 12.50 52.86 -25.68
CA ASN D 98 11.81 51.80 -24.95
C ASN D 98 12.82 50.88 -24.30
N ALA D 99 12.55 50.50 -23.06
CA ALA D 99 13.46 49.65 -22.32
C ALA D 99 12.67 48.63 -21.52
N GLU D 100 12.76 47.36 -21.93
CA GLU D 100 12.24 46.21 -21.19
C GLU D 100 13.14 45.88 -20.01
N TYR D 101 12.56 45.91 -18.81
CA TYR D 101 13.26 45.59 -17.59
C TYR D 101 12.39 44.67 -16.75
N ARG D 102 13.03 44.09 -15.73
CA ARG D 102 12.36 43.24 -14.77
C ARG D 102 12.82 43.68 -13.39
N THR D 103 11.87 44.07 -12.54
CA THR D 103 12.23 44.58 -11.21
C THR D 103 12.74 43.47 -10.27
N GLY D 104 12.56 42.21 -10.65
CA GLY D 104 13.13 41.10 -9.92
C GLY D 104 12.86 39.78 -10.61
N ILE D 105 13.58 38.73 -10.16
CA ILE D 105 13.68 37.49 -10.94
C ILE D 105 12.33 36.77 -11.01
N TRP D 106 11.52 36.84 -9.95
CA TRP D 106 10.20 36.23 -9.95
C TRP D 106 9.12 37.12 -10.51
N GLU D 107 9.46 38.37 -10.88
CA GLU D 107 8.50 39.43 -11.16
C GLU D 107 8.15 39.51 -12.64
N GLU D 108 7.23 40.40 -12.96
CA GLU D 108 6.66 40.45 -14.30
C GLU D 108 7.59 41.18 -15.30
N LEU D 109 7.53 40.76 -16.56
CA LEU D 109 8.20 41.45 -17.65
C LEU D 109 7.38 42.66 -18.10
N LEU D 110 7.99 43.83 -18.00
CA LEU D 110 7.33 45.08 -18.30
C LEU D 110 8.35 46.10 -18.77
N ASP D 111 7.96 46.88 -19.77
CA ASP D 111 8.81 47.90 -20.34
C ASP D 111 8.42 49.29 -19.84
N GLY D 112 9.33 50.23 -20.07
CA GLY D 112 9.12 51.63 -19.72
C GLY D 112 9.47 52.52 -20.89
N TRP D 113 8.60 53.50 -21.16
CA TRP D 113 8.76 54.43 -22.26
C TRP D 113 9.57 55.65 -21.83
N GLY D 114 10.13 56.33 -22.81
CA GLY D 114 10.84 57.56 -22.57
C GLY D 114 9.98 58.78 -22.86
N GLN D 115 10.50 59.94 -22.44
CA GLN D 115 9.83 61.20 -22.75
C GLN D 115 9.65 61.37 -24.27
N GLY D 116 10.68 61.07 -25.03
CA GLY D 116 10.69 61.28 -26.46
C GLY D 116 11.60 62.44 -26.83
N THR D 117 12.16 62.36 -28.02
CA THR D 117 13.04 63.40 -28.52
C THR D 117 12.58 63.74 -29.93
N GLN D 118 12.30 65.03 -30.17
CA GLN D 118 11.75 65.44 -31.46
C GLN D 118 12.86 65.60 -32.49
N VAL D 119 12.57 65.12 -33.69
CA VAL D 119 13.47 65.20 -34.84
C VAL D 119 12.68 65.81 -35.99
N THR D 120 13.24 66.85 -36.60
CA THR D 120 12.59 67.55 -37.71
C THR D 120 13.57 67.67 -38.85
N VAL D 121 13.17 67.17 -40.02
CA VAL D 121 13.92 67.27 -41.26
C VAL D 121 13.14 68.19 -42.19
N SER D 122 13.85 69.08 -42.90
CA SER D 122 13.17 70.01 -43.79
C SER D 122 14.00 70.26 -45.04
N SER D 123 13.29 70.70 -46.10
CA SER D 123 13.81 71.38 -47.34
C SER D 123 14.83 70.50 -48.07
N HIS D 124 16.04 71.00 -48.36
CA HIS D 124 17.16 70.21 -48.86
C HIS D 124 18.45 70.92 -48.50
N HIS D 125 19.57 70.21 -48.70
CA HIS D 125 20.91 70.73 -48.40
C HIS D 125 21.09 71.09 -46.91
#